data_6M07
#
_entry.id   6M07
#
_cell.length_a   112.687
_cell.length_b   77.857
_cell.length_c   94.698
_cell.angle_alpha   90.000
_cell.angle_beta   115.320
_cell.angle_gamma   90.000
#
_symmetry.space_group_name_H-M   'C 1 2 1'
#
loop_
_entity.id
_entity.type
_entity.pdbx_description
1 polymer 'Platelet-activating factor acetylhydrolase'
2 non-polymer '(2S)-2-[(E)-3-[2-(diethylamino)ethyl-[[4-[4-(trifluoromethyl)-2-[2,2,2-tris(fluoranyl)ethoxy]phenyl]phenyl]methyl]amino]-1-oxidanyl-3-oxidanylidene-prop-1-enyl]pyrrolidine-1-carboxylic acid'
3 water water
#
_entity_poly.entity_id   1
_entity_poly.type   'polypeptide(L)'
_entity_poly.pdbx_seq_one_letter_code
;TKIPRGNGPYSVGCTDLMFDHTNKGTFLRLYYPSQDNDRLDTLWIPNKEYFWGLSKFLGTHWLMGNILRLLFGSMTTPAN
WNSPLRPGEKYPLVVFSHGLGAFRTLYSAIGIDLASHGFIVAAVEHRDRSASATYYFKDQSAAEIGDKSWLYLRTLKQEE
ETHIRNEQVRQRAKECSQALSLILDIDHGKPVKNALDLKFDMEQLKDSIDREKIAVIGHSFGGATVIQTLSEDQRFRCGI
ALDAWMFPLGDEVYSRIPQPLFFINSEYFQYPANIIKMKKCYSPDKERKMITIRGSVHQNFADFTFATGKIIGHMLKLKG
DIDSNVAIDLSNKASLAFLQKHLGLHKDFDQWDCLIEGDDENLIPGTNI
;
_entity_poly.pdbx_strand_id   A,B
#
# COMPACT_ATOMS: atom_id res chain seq x y z
N THR A 1 20.75 -27.93 -21.99
CA THR A 1 20.10 -28.08 -20.63
C THR A 1 20.87 -27.27 -19.57
N LYS A 2 21.29 -26.02 -19.87
CA LYS A 2 21.97 -25.07 -18.92
C LYS A 2 21.27 -23.69 -18.92
N ILE A 3 20.66 -23.33 -17.77
CA ILE A 3 20.16 -21.96 -17.42
C ILE A 3 21.33 -21.00 -17.41
N PRO A 4 21.28 -19.84 -18.09
CA PRO A 4 22.43 -18.95 -18.20
C PRO A 4 22.73 -18.22 -16.88
N ARG A 5 24.02 -18.13 -16.54
CA ARG A 5 24.58 -17.39 -15.38
C ARG A 5 24.20 -15.90 -15.46
N GLY A 6 24.35 -15.20 -14.35
CA GLY A 6 24.14 -13.74 -14.27
C GLY A 6 25.24 -12.99 -15.03
N ASN A 7 24.86 -12.23 -16.06
CA ASN A 7 25.81 -11.46 -16.89
C ASN A 7 26.41 -10.28 -16.09
N GLY A 8 25.85 -9.92 -14.93
CA GLY A 8 26.27 -8.73 -14.16
C GLY A 8 27.45 -9.03 -13.23
N PRO A 9 27.97 -8.00 -12.53
CA PRO A 9 29.21 -8.15 -11.76
C PRO A 9 29.16 -8.98 -10.46
N TYR A 10 28.02 -8.93 -9.75
CA TYR A 10 27.82 -9.64 -8.45
C TYR A 10 27.64 -11.16 -8.64
N SER A 11 28.25 -11.88 -7.73
CA SER A 11 28.01 -13.32 -7.47
C SER A 11 26.61 -13.45 -6.84
N VAL A 12 25.86 -14.47 -7.23
CA VAL A 12 24.40 -14.52 -6.96
C VAL A 12 24.21 -15.64 -5.96
N GLY A 13 23.42 -15.38 -4.94
CA GLY A 13 23.09 -16.39 -3.95
C GLY A 13 21.63 -16.71 -4.12
N CYS A 14 21.16 -17.72 -3.42
CA CYS A 14 19.76 -18.17 -3.46
C CYS A 14 19.38 -18.93 -2.19
N THR A 15 18.16 -18.76 -1.74
CA THR A 15 17.58 -19.52 -0.60
C THR A 15 16.07 -19.42 -0.68
N ASP A 16 15.40 -20.15 0.20
CA ASP A 16 13.94 -20.21 0.33
C ASP A 16 13.57 -19.69 1.72
N LEU A 17 12.62 -18.76 1.76
CA LEU A 17 11.95 -18.32 2.99
C LEU A 17 10.49 -18.78 2.93
N MET A 18 9.98 -19.41 3.98
CA MET A 18 8.50 -19.52 4.22
C MET A 18 8.19 -18.97 5.61
N PHE A 19 7.15 -18.17 5.72
CA PHE A 19 6.76 -17.56 7.00
C PHE A 19 5.49 -16.78 6.78
N ASP A 20 4.46 -17.05 7.59
CA ASP A 20 4.48 -18.16 8.53
C ASP A 20 4.40 -19.49 7.75
N HIS A 21 4.26 -20.60 8.47
CA HIS A 21 4.32 -22.00 7.95
C HIS A 21 3.02 -22.39 7.23
N THR A 22 1.98 -21.55 7.35
CA THR A 22 0.59 -21.93 7.02
C THR A 22 0.27 -21.67 5.55
N ASN A 23 -0.93 -22.09 5.17
CA ASN A 23 -1.65 -21.85 3.89
C ASN A 23 -1.76 -20.34 3.65
N LYS A 24 -1.65 -19.55 4.72
CA LYS A 24 -1.95 -18.09 4.72
C LYS A 24 -0.65 -17.28 4.82
N GLY A 25 0.47 -17.92 5.10
CA GLY A 25 1.78 -17.24 5.13
C GLY A 25 2.43 -17.21 3.76
N THR A 26 3.49 -16.45 3.63
CA THR A 26 4.25 -16.15 2.40
C THR A 26 5.32 -17.22 2.18
N PHE A 27 5.42 -17.72 0.95
CA PHE A 27 6.45 -18.68 0.51
C PHE A 27 7.19 -18.10 -0.71
N LEU A 28 8.49 -17.89 -0.61
CA LEU A 28 9.25 -17.32 -1.75
C LEU A 28 10.68 -17.86 -1.77
N ARG A 29 11.28 -17.80 -2.95
CA ARG A 29 12.71 -18.03 -3.19
C ARG A 29 13.37 -16.67 -3.39
N LEU A 30 14.44 -16.40 -2.67
CA LEU A 30 15.21 -15.14 -2.83
C LEU A 30 16.37 -15.41 -3.76
N TYR A 31 16.58 -14.55 -4.74
CA TYR A 31 17.88 -14.42 -5.44
C TYR A 31 18.49 -13.06 -5.06
N TYR A 32 19.69 -13.08 -4.47
CA TYR A 32 20.39 -11.89 -3.92
C TYR A 32 21.87 -11.88 -4.35
N PRO A 33 22.55 -10.72 -4.33
CA PRO A 33 24.00 -10.67 -4.54
C PRO A 33 24.68 -11.29 -3.32
N SER A 34 25.60 -12.22 -3.53
CA SER A 34 26.17 -13.08 -2.46
C SER A 34 27.59 -12.62 -2.14
N GLN A 35 28.04 -12.82 -0.89
CA GLN A 35 29.44 -12.52 -0.49
C GLN A 35 30.33 -13.50 -1.28
N ASP A 36 30.42 -14.74 -0.82
CA ASP A 36 31.31 -15.79 -1.40
C ASP A 36 30.63 -16.38 -2.65
N ASN A 37 31.42 -16.76 -3.67
CA ASN A 37 30.92 -17.33 -4.95
C ASN A 37 31.36 -18.79 -5.11
N ASP A 38 31.31 -19.61 -4.08
CA ASP A 38 31.84 -21.00 -4.18
C ASP A 38 31.04 -21.94 -3.28
N ARG A 39 29.72 -21.73 -3.22
CA ARG A 39 28.77 -22.67 -2.58
C ARG A 39 28.27 -23.62 -3.69
N LEU A 40 27.47 -24.62 -3.33
CA LEU A 40 26.93 -25.61 -4.31
C LEU A 40 25.87 -24.88 -5.15
N ASP A 41 25.65 -25.32 -6.39
CA ASP A 41 24.59 -24.73 -7.27
C ASP A 41 23.23 -25.24 -6.77
N THR A 42 22.19 -24.44 -7.01
CA THR A 42 20.86 -24.58 -6.37
C THR A 42 20.02 -25.57 -7.19
N LEU A 43 19.40 -26.54 -6.50
CA LEU A 43 18.48 -27.56 -7.08
C LEU A 43 17.30 -26.82 -7.71
N TRP A 44 17.15 -27.03 -9.02
CA TRP A 44 16.27 -26.22 -9.88
C TRP A 44 14.80 -26.42 -9.52
N ILE A 45 14.37 -27.66 -9.33
CA ILE A 45 12.96 -28.04 -8.99
C ILE A 45 13.04 -28.99 -7.82
N PRO A 46 13.03 -28.51 -6.56
CA PRO A 46 13.62 -29.26 -5.46
C PRO A 46 12.68 -30.24 -4.71
N ASN A 47 11.56 -30.67 -5.30
CA ASN A 47 10.72 -31.78 -4.73
C ASN A 47 9.93 -32.51 -5.82
N LYS A 48 9.60 -33.78 -5.57
CA LYS A 48 8.96 -34.75 -6.50
C LYS A 48 7.58 -34.23 -6.90
N GLU A 49 6.84 -33.72 -5.91
CA GLU A 49 5.41 -33.34 -6.06
C GLU A 49 5.25 -32.24 -7.11
N TYR A 50 6.31 -31.47 -7.43
CA TYR A 50 6.30 -30.40 -8.48
C TYR A 50 6.16 -31.07 -9.85
N PHE A 51 6.97 -32.10 -10.08
CA PHE A 51 6.95 -32.90 -11.32
C PHE A 51 5.54 -33.48 -11.50
N TRP A 52 4.91 -33.97 -10.41
CA TRP A 52 3.52 -34.53 -10.45
C TRP A 52 2.57 -33.40 -10.81
N GLY A 53 2.73 -32.25 -10.15
CA GLY A 53 1.94 -31.05 -10.47
C GLY A 53 2.04 -30.65 -11.94
N LEU A 54 3.27 -30.62 -12.49
CA LEU A 54 3.52 -30.26 -13.91
C LEU A 54 2.79 -31.24 -14.85
N SER A 55 2.84 -32.53 -14.53
CA SER A 55 2.05 -33.58 -15.24
C SER A 55 0.57 -33.18 -15.22
N LYS A 56 -0.04 -33.01 -14.03
CA LYS A 56 -1.48 -32.61 -13.90
C LYS A 56 -1.73 -31.35 -14.74
N PHE A 57 -0.81 -30.39 -14.71
CA PHE A 57 -0.89 -29.12 -15.51
C PHE A 57 -0.80 -29.41 -17.01
N LEU A 58 0.26 -30.07 -17.46
CA LEU A 58 0.47 -30.36 -18.91
C LEU A 58 -0.69 -31.24 -19.40
N GLY A 59 -1.27 -32.09 -18.53
CA GLY A 59 -2.25 -33.12 -18.92
C GLY A 59 -1.59 -34.38 -19.46
N THR A 60 -0.43 -34.78 -18.90
CA THR A 60 0.25 -36.07 -19.15
C THR A 60 -0.42 -37.14 -18.28
N HIS A 61 0.10 -38.38 -18.29
CA HIS A 61 -0.38 -39.51 -17.45
C HIS A 61 0.48 -39.62 -16.17
N TRP A 62 0.00 -40.37 -15.17
CA TRP A 62 0.73 -40.67 -13.90
C TRP A 62 2.23 -40.88 -14.19
N LEU A 63 2.53 -41.43 -15.37
CA LEU A 63 3.90 -41.75 -15.85
C LEU A 63 4.75 -40.48 -15.97
N MET A 64 4.51 -39.66 -16.99
CA MET A 64 5.42 -38.57 -17.44
C MET A 64 5.91 -37.73 -16.24
N GLY A 65 5.08 -37.56 -15.22
CA GLY A 65 5.47 -37.06 -13.88
C GLY A 65 6.84 -37.55 -13.44
N ASN A 66 7.14 -38.85 -13.56
CA ASN A 66 8.44 -39.45 -13.13
C ASN A 66 9.45 -39.37 -14.28
N ILE A 67 8.99 -39.37 -15.52
CA ILE A 67 9.83 -39.08 -16.72
C ILE A 67 10.50 -37.73 -16.46
N LEU A 68 9.68 -36.68 -16.37
CA LEU A 68 10.09 -35.27 -16.14
C LEU A 68 11.05 -35.24 -14.97
N ARG A 69 10.72 -35.98 -13.93
CA ARG A 69 11.61 -36.17 -12.76
C ARG A 69 12.95 -36.74 -13.25
N LEU A 70 12.95 -37.83 -14.01
CA LEU A 70 14.21 -38.52 -14.45
C LEU A 70 15.05 -37.53 -15.24
N LEU A 71 14.44 -36.79 -16.16
CA LEU A 71 15.16 -35.88 -17.08
C LEU A 71 15.65 -34.59 -16.39
N PHE A 72 14.97 -34.13 -15.32
CA PHE A 72 15.15 -32.75 -14.76
C PHE A 72 15.39 -32.73 -13.25
N GLY A 73 15.01 -33.78 -12.53
CA GLY A 73 15.02 -33.84 -11.05
C GLY A 73 16.34 -33.44 -10.44
N SER A 74 17.46 -33.58 -11.16
CA SER A 74 18.83 -33.35 -10.64
C SER A 74 19.47 -32.13 -11.31
N MET A 75 18.73 -31.45 -12.20
CA MET A 75 19.12 -30.13 -12.78
C MET A 75 19.27 -29.08 -11.67
N THR A 76 20.34 -28.27 -11.78
CA THR A 76 20.68 -27.10 -10.94
C THR A 76 20.45 -25.79 -11.71
N THR A 77 20.49 -24.66 -11.01
CA THR A 77 20.48 -23.30 -11.60
C THR A 77 21.71 -22.58 -11.05
N PRO A 78 22.40 -21.70 -11.83
CA PRO A 78 23.65 -21.09 -11.39
C PRO A 78 23.46 -19.99 -10.33
N ALA A 79 22.96 -20.36 -9.13
CA ALA A 79 22.89 -19.53 -7.90
C ALA A 79 23.44 -20.32 -6.71
N ASN A 80 24.29 -19.66 -5.88
CA ASN A 80 25.12 -20.26 -4.80
C ASN A 80 24.20 -20.59 -3.62
N TRP A 81 23.70 -21.83 -3.54
CA TRP A 81 22.68 -22.23 -2.54
C TRP A 81 23.13 -21.73 -1.17
N ASN A 82 22.28 -20.92 -0.54
CA ASN A 82 22.37 -20.50 0.88
C ASN A 82 23.63 -19.67 1.16
N SER A 83 24.28 -19.11 0.13
CA SER A 83 25.51 -18.28 0.30
C SER A 83 25.17 -17.05 1.13
N PRO A 84 26.10 -16.53 1.95
CA PRO A 84 25.87 -15.26 2.64
C PRO A 84 25.59 -14.10 1.67
N LEU A 85 24.57 -13.29 2.00
CA LEU A 85 24.24 -11.98 1.38
C LEU A 85 25.53 -11.13 1.33
N ARG A 86 25.78 -10.44 0.22
CA ARG A 86 26.91 -9.47 0.11
C ARG A 86 26.55 -8.22 0.89
N PRO A 87 27.30 -7.89 1.96
CA PRO A 87 27.01 -6.70 2.77
C PRO A 87 27.49 -5.41 2.11
N GLY A 88 27.14 -4.26 2.69
CA GLY A 88 27.72 -2.94 2.37
C GLY A 88 26.91 -2.20 1.32
N GLU A 89 25.61 -2.44 1.25
CA GLU A 89 24.71 -1.65 0.40
C GLU A 89 23.26 -2.01 0.70
N LYS A 90 22.35 -1.06 0.46
CA LYS A 90 20.88 -1.24 0.37
C LYS A 90 20.53 -1.53 -1.09
N TYR A 91 20.09 -2.75 -1.38
CA TYR A 91 19.78 -3.26 -2.73
C TYR A 91 18.32 -2.98 -3.03
N PRO A 92 17.96 -2.61 -4.29
CA PRO A 92 16.56 -2.53 -4.70
C PRO A 92 15.94 -3.93 -4.70
N LEU A 93 14.63 -4.02 -4.45
CA LEU A 93 13.85 -5.27 -4.32
C LEU A 93 12.85 -5.38 -5.48
N VAL A 94 12.85 -6.54 -6.16
CA VAL A 94 11.79 -6.99 -7.10
C VAL A 94 10.97 -8.10 -6.40
N VAL A 95 9.64 -8.02 -6.42
CA VAL A 95 8.77 -9.20 -6.16
C VAL A 95 8.44 -9.76 -7.54
N PHE A 96 8.55 -11.08 -7.74
CA PHE A 96 8.25 -11.78 -9.02
C PHE A 96 7.09 -12.77 -8.84
N SER A 97 6.12 -12.72 -9.77
CA SER A 97 4.90 -13.58 -9.77
C SER A 97 4.91 -14.57 -10.93
N HIS A 98 5.03 -15.87 -10.62
CA HIS A 98 5.06 -16.97 -11.63
C HIS A 98 3.77 -16.93 -12.47
N GLY A 99 3.75 -17.69 -13.56
CA GLY A 99 2.55 -17.90 -14.40
C GLY A 99 1.79 -19.14 -13.95
N LEU A 100 0.69 -19.43 -14.64
CA LEU A 100 -0.16 -20.65 -14.41
C LEU A 100 0.72 -21.88 -14.65
N GLY A 101 0.57 -22.92 -13.86
CA GLY A 101 1.37 -24.15 -14.01
C GLY A 101 2.81 -23.97 -13.57
N ALA A 102 3.22 -22.73 -13.26
CA ALA A 102 4.57 -22.44 -12.74
C ALA A 102 4.58 -22.67 -11.23
N PHE A 103 5.67 -22.25 -10.59
CA PHE A 103 5.87 -22.18 -9.13
C PHE A 103 7.13 -21.32 -8.95
N ARG A 104 7.63 -21.20 -7.73
CA ARG A 104 8.55 -20.10 -7.37
C ARG A 104 9.89 -20.19 -8.13
N THR A 105 10.30 -21.39 -8.57
CA THR A 105 11.71 -21.68 -8.98
C THR A 105 11.96 -21.61 -10.49
N LEU A 106 10.93 -21.40 -11.33
CA LEU A 106 11.00 -21.58 -12.81
C LEU A 106 11.43 -20.30 -13.54
N TYR A 107 11.71 -19.22 -12.81
CA TYR A 107 12.09 -17.90 -13.39
C TYR A 107 13.46 -17.49 -12.85
N SER A 108 14.35 -18.48 -12.69
CA SER A 108 15.74 -18.31 -12.18
C SER A 108 16.64 -17.63 -13.23
N ALA A 109 16.35 -17.74 -14.52
CA ALA A 109 17.17 -17.03 -15.52
C ALA A 109 17.08 -15.53 -15.21
N ILE A 110 15.87 -15.07 -14.86
CA ILE A 110 15.55 -13.62 -14.71
C ILE A 110 16.01 -13.19 -13.29
N GLY A 111 15.76 -13.99 -12.27
CA GLY A 111 16.13 -13.70 -10.88
C GLY A 111 17.63 -13.53 -10.70
N ILE A 112 18.39 -14.42 -11.32
CA ILE A 112 19.88 -14.49 -11.17
C ILE A 112 20.50 -13.31 -11.93
N ASP A 113 19.93 -12.95 -13.08
CA ASP A 113 20.45 -11.80 -13.86
C ASP A 113 20.21 -10.52 -13.06
N LEU A 114 19.05 -10.41 -12.40
CA LEU A 114 18.66 -9.16 -11.69
C LEU A 114 19.55 -9.03 -10.45
N ALA A 115 19.79 -10.15 -9.76
CA ALA A 115 20.63 -10.19 -8.54
C ALA A 115 22.06 -9.87 -8.94
N SER A 116 22.56 -10.44 -10.03
CA SER A 116 23.97 -10.19 -10.46
C SER A 116 24.16 -8.71 -10.82
N HIS A 117 23.08 -7.96 -10.96
CA HIS A 117 23.14 -6.49 -11.23
C HIS A 117 22.90 -5.68 -9.95
N GLY A 118 22.52 -6.34 -8.87
CA GLY A 118 22.42 -5.66 -7.57
C GLY A 118 21.06 -5.82 -6.94
N PHE A 119 20.17 -6.60 -7.52
CA PHE A 119 18.81 -6.66 -6.96
C PHE A 119 18.78 -7.78 -5.98
N ILE A 120 17.95 -7.67 -4.95
CA ILE A 120 17.33 -8.85 -4.28
C ILE A 120 16.04 -9.11 -5.03
N VAL A 121 15.80 -10.38 -5.38
CA VAL A 121 14.58 -10.88 -6.08
C VAL A 121 13.86 -11.89 -5.16
N ALA A 122 12.67 -11.58 -4.65
CA ALA A 122 11.76 -12.54 -3.99
C ALA A 122 10.77 -13.03 -5.06
N ALA A 123 10.87 -14.31 -5.44
CA ALA A 123 9.95 -14.99 -6.36
C ALA A 123 8.90 -15.72 -5.53
N VAL A 124 7.67 -15.19 -5.41
CA VAL A 124 6.64 -15.79 -4.52
C VAL A 124 6.16 -17.07 -5.16
N GLU A 125 5.65 -17.97 -4.33
CA GLU A 125 4.88 -19.16 -4.77
C GLU A 125 3.42 -18.94 -4.38
N HIS A 126 2.52 -18.83 -5.35
CA HIS A 126 1.11 -18.49 -5.06
C HIS A 126 0.42 -19.74 -4.50
N ARG A 127 -0.54 -19.56 -3.58
CA ARG A 127 -1.35 -20.63 -2.95
C ARG A 127 -2.82 -20.48 -3.39
N ASP A 128 -3.05 -19.82 -4.52
CA ASP A 128 -4.37 -19.66 -5.20
C ASP A 128 -4.67 -20.86 -6.10
N ARG A 129 -3.88 -21.93 -6.02
CA ARG A 129 -4.04 -23.15 -6.85
C ARG A 129 -3.78 -22.82 -8.31
N SER A 130 -3.04 -21.74 -8.59
CA SER A 130 -2.58 -21.37 -9.96
C SER A 130 -1.24 -22.05 -10.24
N ALA A 131 -0.47 -22.38 -9.20
CA ALA A 131 0.80 -23.16 -9.28
C ALA A 131 0.54 -24.64 -9.55
N SER A 132 1.42 -25.26 -10.31
CA SER A 132 1.34 -26.72 -10.60
C SER A 132 1.22 -27.45 -9.27
N ALA A 133 2.05 -27.00 -8.34
CA ALA A 133 2.06 -27.50 -6.95
C ALA A 133 2.75 -26.45 -6.08
N THR A 134 2.30 -26.38 -4.85
CA THR A 134 2.96 -25.62 -3.78
C THR A 134 2.81 -26.48 -2.53
N TYR A 135 3.34 -26.03 -1.40
CA TYR A 135 3.14 -26.68 -0.09
C TYR A 135 3.19 -25.67 1.06
N TYR A 136 2.63 -26.13 2.16
CA TYR A 136 2.64 -25.45 3.48
C TYR A 136 2.53 -26.52 4.55
N PHE A 137 2.44 -26.10 5.81
CA PHE A 137 2.30 -27.02 6.95
C PHE A 137 0.94 -26.73 7.61
N LYS A 138 0.30 -27.79 8.11
CA LYS A 138 -1.05 -27.73 8.72
C LYS A 138 -1.00 -27.00 10.05
N ASP A 139 -0.03 -27.35 10.93
CA ASP A 139 0.20 -26.78 12.28
C ASP A 139 1.70 -26.77 12.60
N GLN A 140 2.10 -26.16 13.72
CA GLN A 140 3.51 -26.00 14.13
C GLN A 140 4.17 -27.39 14.11
N SER A 141 3.55 -28.38 14.77
CA SER A 141 4.12 -29.74 14.94
C SER A 141 4.50 -30.29 13.56
N ALA A 142 3.63 -30.15 12.55
CA ALA A 142 3.89 -30.50 11.14
C ALA A 142 5.20 -29.85 10.63
N ALA A 143 5.32 -28.52 10.62
CA ALA A 143 6.54 -27.75 10.21
C ALA A 143 7.75 -28.26 11.00
N GLU A 144 7.52 -28.66 12.25
CA GLU A 144 8.60 -29.14 13.15
C GLU A 144 9.06 -30.52 12.67
N ILE A 145 8.15 -31.31 12.11
CA ILE A 145 8.38 -32.73 11.68
C ILE A 145 8.70 -32.75 10.17
N GLY A 146 8.57 -31.61 9.49
CA GLY A 146 8.78 -31.45 8.04
C GLY A 146 7.61 -31.99 7.24
N ASP A 147 6.49 -32.21 7.92
CA ASP A 147 5.28 -32.88 7.37
C ASP A 147 4.64 -31.97 6.32
N LYS A 148 5.11 -32.04 5.08
CA LYS A 148 4.62 -31.16 3.98
C LYS A 148 3.13 -31.47 3.68
N SER A 149 2.33 -30.46 3.36
CA SER A 149 0.94 -30.58 2.84
C SER A 149 0.88 -29.91 1.47
N TRP A 150 0.62 -30.69 0.41
CA TRP A 150 0.70 -30.26 -1.00
C TRP A 150 -0.66 -29.78 -1.53
N LEU A 151 -0.68 -28.60 -2.17
CA LEU A 151 -1.84 -28.05 -2.91
C LEU A 151 -1.48 -28.16 -4.40
N TYR A 152 -2.30 -28.80 -5.21
CA TYR A 152 -2.03 -29.00 -6.66
C TYR A 152 -2.89 -28.06 -7.49
N LEU A 153 -2.42 -27.70 -8.70
CA LEU A 153 -3.19 -26.94 -9.73
C LEU A 153 -4.67 -27.35 -9.70
N ARG A 154 -5.56 -26.37 -9.64
CA ARG A 154 -7.02 -26.53 -9.87
C ARG A 154 -7.30 -26.37 -11.37
N THR A 155 -7.92 -27.38 -11.98
CA THR A 155 -8.53 -27.28 -13.33
C THR A 155 -9.94 -26.70 -13.17
N LEU A 156 -10.37 -25.84 -14.09
CA LEU A 156 -11.67 -25.14 -13.96
C LEU A 156 -12.59 -25.60 -15.09
N LYS A 157 -13.91 -25.57 -14.87
CA LYS A 157 -14.94 -25.71 -15.93
C LYS A 157 -15.06 -24.38 -16.66
N GLN A 158 -15.51 -24.39 -17.92
CA GLN A 158 -15.89 -23.20 -18.71
C GLN A 158 -16.64 -22.19 -17.82
N GLU A 159 -17.61 -22.65 -17.03
CA GLU A 159 -18.57 -21.84 -16.22
C GLU A 159 -17.91 -21.15 -14.99
N GLU A 160 -16.68 -21.52 -14.61
CA GLU A 160 -15.97 -20.97 -13.41
C GLU A 160 -14.98 -19.86 -13.79
N GLU A 161 -14.31 -20.01 -14.95
CA GLU A 161 -13.09 -19.27 -15.40
C GLU A 161 -13.16 -17.77 -15.05
N THR A 162 -14.09 -17.01 -15.59
CA THR A 162 -14.24 -15.55 -15.32
C THR A 162 -14.02 -15.26 -13.85
N HIS A 163 -14.89 -15.81 -13.00
CA HIS A 163 -15.00 -15.47 -11.56
C HIS A 163 -13.73 -15.93 -10.80
N ILE A 164 -13.41 -17.23 -10.84
CA ILE A 164 -12.29 -17.81 -10.04
C ILE A 164 -10.95 -17.25 -10.55
N ARG A 165 -10.74 -17.03 -11.86
CA ARG A 165 -9.50 -16.38 -12.34
C ARG A 165 -9.38 -15.01 -11.68
N ASN A 166 -10.48 -14.25 -11.55
CA ASN A 166 -10.43 -12.92 -10.88
C ASN A 166 -10.12 -13.06 -9.37
N GLU A 167 -10.78 -13.95 -8.64
CA GLU A 167 -10.50 -14.14 -7.19
C GLU A 167 -9.02 -14.55 -7.04
N GLN A 168 -8.48 -15.36 -7.95
CA GLN A 168 -7.07 -15.86 -7.91
C GLN A 168 -6.09 -14.69 -8.10
N VAL A 169 -6.35 -13.77 -9.03
CA VAL A 169 -5.35 -12.69 -9.31
C VAL A 169 -5.39 -11.66 -8.18
N ARG A 170 -6.52 -11.57 -7.47
CA ARG A 170 -6.63 -10.71 -6.25
C ARG A 170 -5.79 -11.34 -5.15
N GLN A 171 -5.98 -12.62 -4.90
CA GLN A 171 -5.17 -13.39 -3.92
C GLN A 171 -3.70 -13.30 -4.31
N ARG A 172 -3.37 -13.29 -5.60
CA ARG A 172 -1.96 -13.16 -6.08
C ARG A 172 -1.44 -11.76 -5.72
N ALA A 173 -2.21 -10.72 -6.04
CA ALA A 173 -1.85 -9.34 -5.62
C ALA A 173 -1.61 -9.33 -4.10
N LYS A 174 -2.47 -9.97 -3.30
CA LYS A 174 -2.40 -9.90 -1.81
C LYS A 174 -1.07 -10.53 -1.38
N GLU A 175 -0.77 -11.67 -2.00
CA GLU A 175 0.45 -12.47 -1.77
C GLU A 175 1.68 -11.63 -2.10
N CYS A 176 1.68 -10.89 -3.21
CA CYS A 176 2.85 -10.03 -3.54
C CYS A 176 3.02 -8.96 -2.47
N SER A 177 1.94 -8.41 -1.91
CA SER A 177 2.00 -7.31 -0.89
C SER A 177 2.44 -7.82 0.48
N GLN A 178 2.02 -9.05 0.80
CA GLN A 178 2.44 -9.81 2.01
C GLN A 178 3.94 -10.18 1.95
N ALA A 179 4.43 -10.58 0.80
CA ALA A 179 5.85 -10.90 0.64
C ALA A 179 6.63 -9.60 0.83
N LEU A 180 6.13 -8.50 0.25
CA LEU A 180 6.82 -7.19 0.33
C LEU A 180 6.94 -6.82 1.81
N SER A 181 5.84 -6.98 2.57
CA SER A 181 5.75 -6.62 4.00
C SER A 181 6.67 -7.51 4.85
N LEU A 182 6.69 -8.80 4.60
CA LEU A 182 7.59 -9.75 5.31
C LEU A 182 9.03 -9.30 5.11
N ILE A 183 9.41 -8.94 3.89
CA ILE A 183 10.82 -8.59 3.53
C ILE A 183 11.20 -7.26 4.20
N LEU A 184 10.28 -6.28 4.23
CA LEU A 184 10.54 -4.92 4.77
C LEU A 184 10.61 -5.03 6.29
N ASP A 185 9.77 -5.89 6.90
CA ASP A 185 9.76 -6.18 8.36
C ASP A 185 11.07 -6.86 8.76
N ILE A 186 11.57 -7.78 7.96
CA ILE A 186 12.90 -8.42 8.18
C ILE A 186 14.01 -7.36 8.05
N ASP A 187 13.86 -6.44 7.10
CA ASP A 187 14.90 -5.42 6.81
C ASP A 187 15.08 -4.58 8.07
N HIS A 188 14.00 -4.41 8.83
CA HIS A 188 13.95 -3.50 10.01
C HIS A 188 13.97 -4.27 11.30
N GLY A 189 14.43 -5.52 11.24
CA GLY A 189 14.74 -6.34 12.42
C GLY A 189 13.64 -7.30 12.87
N LYS A 190 12.35 -7.16 12.48
CA LYS A 190 11.31 -8.09 13.02
C LYS A 190 11.93 -9.48 12.98
N PRO A 191 11.91 -10.22 14.12
CA PRO A 191 12.52 -11.55 14.16
C PRO A 191 11.58 -12.53 13.44
N VAL A 192 12.13 -13.47 12.65
CA VAL A 192 11.31 -14.45 11.86
C VAL A 192 11.97 -15.82 11.96
N LYS A 193 11.17 -16.86 12.27
CA LYS A 193 11.54 -18.30 12.27
C LYS A 193 11.19 -18.91 10.90
N ASN A 194 12.16 -19.05 9.99
CA ASN A 194 11.94 -19.68 8.66
C ASN A 194 11.37 -21.07 8.94
N ALA A 195 10.24 -21.44 8.31
CA ALA A 195 9.55 -22.73 8.55
C ALA A 195 10.29 -23.86 7.82
N LEU A 196 11.20 -23.50 6.91
CA LEU A 196 12.24 -24.39 6.32
C LEU A 196 13.51 -24.19 7.13
N ASP A 197 14.04 -25.25 7.72
CA ASP A 197 15.34 -25.20 8.43
C ASP A 197 16.42 -25.11 7.35
N LEU A 198 16.97 -23.91 7.06
CA LEU A 198 18.01 -23.72 6.01
C LEU A 198 19.24 -22.99 6.59
N LYS A 199 20.41 -23.21 5.95
CA LYS A 199 21.75 -22.75 6.40
C LYS A 199 21.87 -21.21 6.27
N PHE A 200 20.96 -20.53 5.57
CA PHE A 200 20.88 -19.04 5.50
C PHE A 200 20.12 -18.53 6.73
N ASP A 201 20.79 -17.73 7.57
CA ASP A 201 20.21 -16.97 8.72
C ASP A 201 19.54 -15.69 8.18
N MET A 202 18.28 -15.45 8.54
CA MET A 202 17.46 -14.34 7.99
C MET A 202 17.70 -13.03 8.73
N GLU A 203 18.52 -13.03 9.79
CA GLU A 203 19.00 -11.77 10.42
C GLU A 203 19.93 -11.03 9.45
N GLN A 204 20.50 -11.72 8.47
CA GLN A 204 21.39 -11.14 7.44
C GLN A 204 20.71 -10.06 6.61
N LEU A 205 19.39 -10.12 6.47
CA LEU A 205 18.62 -9.22 5.56
C LEU A 205 18.29 -7.91 6.29
N LYS A 206 18.73 -7.75 7.55
CA LYS A 206 18.60 -6.46 8.31
C LYS A 206 19.33 -5.37 7.54
N ASP A 207 18.76 -4.17 7.51
CA ASP A 207 19.29 -3.03 6.71
C ASP A 207 20.05 -3.62 5.53
N SER A 208 19.32 -4.29 4.63
CA SER A 208 19.81 -4.79 3.33
C SER A 208 18.92 -4.31 2.17
N ILE A 209 17.77 -3.72 2.46
CA ILE A 209 16.76 -3.30 1.44
C ILE A 209 16.74 -1.77 1.33
N ASP A 210 16.77 -1.30 0.10
CA ASP A 210 16.53 0.11 -0.25
C ASP A 210 15.02 0.30 -0.40
N ARG A 211 14.32 0.77 0.62
CA ARG A 211 12.84 0.57 0.78
C ARG A 211 12.03 1.53 -0.06
N GLU A 212 12.70 2.43 -0.80
CA GLU A 212 12.08 3.36 -1.77
C GLU A 212 12.11 2.76 -3.19
N LYS A 213 12.89 1.69 -3.41
CA LYS A 213 13.20 1.14 -4.75
C LYS A 213 12.66 -0.28 -4.88
N ILE A 214 11.38 -0.39 -5.20
CA ILE A 214 10.62 -1.65 -5.26
C ILE A 214 9.83 -1.67 -6.58
N ALA A 215 9.79 -2.86 -7.20
CA ALA A 215 9.13 -3.15 -8.49
C ALA A 215 8.48 -4.53 -8.37
N VAL A 216 7.36 -4.75 -9.09
CA VAL A 216 6.69 -6.07 -9.22
C VAL A 216 6.86 -6.54 -10.67
N ILE A 217 7.34 -7.77 -10.85
CA ILE A 217 7.57 -8.41 -12.19
C ILE A 217 6.91 -9.79 -12.23
N GLY A 218 6.39 -10.18 -13.38
CA GLY A 218 5.59 -11.40 -13.47
C GLY A 218 5.28 -11.80 -14.90
N HIS A 219 5.33 -13.09 -15.15
CA HIS A 219 5.08 -13.70 -16.47
C HIS A 219 3.61 -14.12 -16.55
N SER A 220 2.91 -13.75 -17.65
CA SER A 220 1.58 -14.33 -18.00
C SER A 220 0.62 -13.95 -16.87
N PHE A 221 0.09 -14.93 -16.14
CA PHE A 221 -0.88 -14.67 -15.02
C PHE A 221 -0.19 -13.68 -14.08
N GLY A 222 1.14 -13.88 -13.95
CA GLY A 222 2.14 -12.99 -13.30
C GLY A 222 2.10 -11.57 -13.85
N GLY A 223 1.74 -11.39 -15.12
CA GLY A 223 1.63 -10.05 -15.74
C GLY A 223 0.36 -9.38 -15.29
N ALA A 224 -0.72 -10.17 -15.17
CA ALA A 224 -2.03 -9.76 -14.60
C ALA A 224 -1.82 -9.48 -13.11
N THR A 225 -0.98 -10.26 -12.45
CA THR A 225 -0.64 -10.05 -11.02
C THR A 225 -0.02 -8.66 -10.89
N VAL A 226 1.04 -8.38 -11.66
CA VAL A 226 1.77 -7.07 -11.69
C VAL A 226 0.74 -5.96 -11.69
N ILE A 227 -0.15 -5.99 -12.69
CA ILE A 227 -1.16 -4.93 -12.97
C ILE A 227 -2.06 -4.82 -11.75
N GLN A 228 -2.69 -5.92 -11.34
CA GLN A 228 -3.59 -5.95 -10.14
C GLN A 228 -2.79 -5.42 -8.92
N THR A 229 -1.58 -5.95 -8.68
CA THR A 229 -0.70 -5.62 -7.53
C THR A 229 -0.47 -4.09 -7.49
N LEU A 230 0.04 -3.52 -8.59
CA LEU A 230 0.30 -2.06 -8.74
C LEU A 230 -0.96 -1.28 -8.34
N SER A 231 -2.13 -1.79 -8.77
CA SER A 231 -3.46 -1.20 -8.45
C SER A 231 -3.60 -1.06 -6.93
N GLU A 232 -3.22 -2.08 -6.16
CA GLU A 232 -3.60 -2.18 -4.73
C GLU A 232 -2.49 -1.58 -3.83
N ASP A 233 -1.22 -1.51 -4.28
CA ASP A 233 -0.06 -1.17 -3.38
C ASP A 233 0.95 -0.24 -4.10
N GLN A 234 0.96 1.03 -3.72
CA GLN A 234 1.87 2.02 -4.37
C GLN A 234 3.31 1.83 -3.87
N ARG A 235 3.58 0.94 -2.89
CA ARG A 235 4.98 0.67 -2.42
C ARG A 235 5.73 0.13 -3.63
N PHE A 236 5.02 -0.65 -4.45
CA PHE A 236 5.51 -1.06 -5.79
C PHE A 236 5.54 0.21 -6.64
N ARG A 237 6.75 0.67 -7.00
CA ARG A 237 6.98 1.99 -7.65
C ARG A 237 6.77 1.88 -9.16
N CYS A 238 7.18 0.79 -9.78
CA CYS A 238 6.79 0.44 -11.18
C CYS A 238 6.59 -1.07 -11.32
N GLY A 239 5.88 -1.46 -12.38
CA GLY A 239 5.64 -2.86 -12.75
C GLY A 239 6.19 -3.21 -14.12
N ILE A 240 6.78 -4.41 -14.26
CA ILE A 240 7.02 -5.06 -15.59
C ILE A 240 6.18 -6.35 -15.71
N ALA A 241 5.26 -6.31 -16.68
CA ALA A 241 4.38 -7.41 -17.12
C ALA A 241 4.99 -8.08 -18.36
N LEU A 242 5.67 -9.20 -18.16
CA LEU A 242 6.16 -10.13 -19.21
C LEU A 242 4.95 -10.92 -19.79
N ASP A 243 4.52 -10.55 -21.00
CA ASP A 243 3.61 -11.36 -21.83
C ASP A 243 2.33 -11.58 -21.01
N ALA A 244 1.74 -10.48 -20.55
CA ALA A 244 0.64 -10.59 -19.57
C ALA A 244 -0.51 -11.38 -20.21
N TRP A 245 -1.21 -12.11 -19.37
CA TRP A 245 -2.53 -12.69 -19.65
C TRP A 245 -3.54 -11.85 -18.88
N MET A 246 -4.33 -11.03 -19.60
CA MET A 246 -5.20 -9.95 -19.05
C MET A 246 -6.61 -10.47 -18.73
N PHE A 247 -6.91 -11.74 -18.99
CA PHE A 247 -8.26 -12.32 -18.77
C PHE A 247 -8.67 -12.20 -17.30
N PRO A 248 -7.83 -12.53 -16.30
CA PRO A 248 -8.22 -12.45 -14.88
C PRO A 248 -8.60 -11.06 -14.32
N LEU A 249 -8.20 -9.96 -14.99
CA LEU A 249 -8.44 -8.58 -14.51
C LEU A 249 -9.89 -8.16 -14.79
N GLY A 250 -10.57 -7.67 -13.76
CA GLY A 250 -11.81 -6.88 -13.90
C GLY A 250 -11.58 -5.58 -14.65
N ASP A 251 -12.66 -5.03 -15.24
CA ASP A 251 -12.63 -3.78 -16.04
C ASP A 251 -12.18 -2.62 -15.13
N GLU A 252 -12.43 -2.72 -13.82
CA GLU A 252 -12.13 -1.63 -12.84
C GLU A 252 -10.63 -1.30 -12.76
N VAL A 253 -9.71 -2.26 -12.94
CA VAL A 253 -8.26 -1.98 -12.65
C VAL A 253 -7.65 -1.01 -13.71
N TYR A 254 -8.20 -0.89 -14.93
CA TYR A 254 -7.50 -0.17 -16.03
C TYR A 254 -7.44 1.31 -15.73
N SER A 255 -8.48 1.83 -15.06
CA SER A 255 -8.51 3.18 -14.45
C SER A 255 -7.39 3.33 -13.40
N ARG A 256 -7.16 2.30 -12.59
CA ARG A 256 -6.60 2.38 -11.21
C ARG A 256 -5.11 1.98 -11.11
N ILE A 257 -4.22 2.49 -11.97
CA ILE A 257 -2.77 2.13 -11.98
C ILE A 257 -1.91 3.36 -12.17
N PRO A 258 -1.40 4.00 -11.10
CA PRO A 258 -0.59 5.19 -11.27
C PRO A 258 0.82 4.91 -11.80
N GLN A 259 1.46 3.83 -11.33
CA GLN A 259 2.93 3.60 -11.48
C GLN A 259 3.22 3.27 -12.93
N PRO A 260 4.38 3.72 -13.46
CA PRO A 260 4.85 3.25 -14.76
C PRO A 260 4.81 1.72 -14.87
N LEU A 261 4.62 1.23 -16.09
CA LEU A 261 4.22 -0.15 -16.47
C LEU A 261 4.77 -0.46 -17.85
N PHE A 262 5.50 -1.57 -17.98
CA PHE A 262 6.22 -1.97 -19.21
C PHE A 262 5.76 -3.39 -19.60
N PHE A 263 5.04 -3.50 -20.73
CA PHE A 263 4.63 -4.75 -21.43
C PHE A 263 5.77 -5.28 -22.32
N ILE A 264 6.42 -6.35 -21.90
CA ILE A 264 7.39 -7.10 -22.74
C ILE A 264 6.69 -8.39 -23.17
N ASN A 265 6.44 -8.52 -24.47
CA ASN A 265 5.57 -9.55 -25.10
C ASN A 265 6.45 -10.47 -25.93
N SER A 266 6.04 -11.72 -26.07
CA SER A 266 6.57 -12.62 -27.10
C SER A 266 5.74 -12.44 -28.40
N GLU A 267 6.38 -12.66 -29.55
CA GLU A 267 5.74 -12.49 -30.88
C GLU A 267 4.51 -13.39 -31.00
N TYR A 268 4.59 -14.65 -30.54
CA TYR A 268 3.67 -15.74 -30.97
C TYR A 268 2.62 -16.08 -29.93
N PHE A 269 2.56 -15.40 -28.78
CA PHE A 269 1.54 -15.68 -27.72
C PHE A 269 0.36 -14.72 -27.84
N GLN A 270 0.59 -13.48 -28.26
CA GLN A 270 -0.40 -12.40 -28.02
C GLN A 270 -1.57 -12.53 -29.00
N TYR A 271 -2.66 -11.83 -28.71
CA TYR A 271 -3.87 -11.87 -29.55
C TYR A 271 -4.76 -10.65 -29.30
N PRO A 272 -5.63 -10.31 -30.27
CA PRO A 272 -6.40 -9.06 -30.23
C PRO A 272 -7.06 -8.73 -28.88
N ALA A 273 -7.94 -9.61 -28.40
CA ALA A 273 -8.69 -9.43 -27.14
C ALA A 273 -7.74 -9.02 -25.99
N ASN A 274 -6.61 -9.74 -25.85
CA ASN A 274 -5.55 -9.53 -24.83
C ASN A 274 -4.89 -8.18 -25.10
N ILE A 275 -4.37 -7.97 -26.31
CA ILE A 275 -3.71 -6.68 -26.67
C ILE A 275 -4.68 -5.52 -26.44
N ILE A 276 -5.98 -5.72 -26.65
CA ILE A 276 -6.95 -4.60 -26.51
C ILE A 276 -6.99 -4.18 -25.02
N LYS A 277 -6.83 -5.12 -24.08
CA LYS A 277 -6.79 -4.84 -22.62
C LYS A 277 -5.52 -4.09 -22.24
N MET A 278 -4.38 -4.43 -22.86
CA MET A 278 -3.08 -3.76 -22.57
C MET A 278 -3.24 -2.30 -22.92
N LYS A 279 -3.86 -2.06 -24.07
CA LYS A 279 -4.11 -0.71 -24.62
C LYS A 279 -5.02 0.08 -23.66
N LYS A 280 -6.05 -0.55 -23.08
CA LYS A 280 -6.97 0.07 -22.07
C LYS A 280 -6.13 0.76 -20.96
N CYS A 281 -5.05 0.16 -20.45
CA CYS A 281 -4.13 0.74 -19.42
C CYS A 281 -3.42 2.02 -19.90
N TYR A 282 -3.37 2.34 -21.19
CA TYR A 282 -2.64 3.54 -21.66
C TYR A 282 -3.45 4.81 -21.32
N SER A 283 -2.73 5.91 -21.10
CA SER A 283 -3.28 7.26 -20.77
C SER A 283 -2.17 8.29 -21.00
N PRO A 284 -2.46 9.48 -21.60
CA PRO A 284 -1.40 10.48 -21.85
C PRO A 284 -0.63 10.98 -20.62
N ASP A 285 -1.20 10.84 -19.42
CA ASP A 285 -0.63 11.32 -18.13
C ASP A 285 0.27 10.25 -17.49
N LYS A 286 0.29 9.00 -17.96
CA LYS A 286 1.01 7.86 -17.30
C LYS A 286 2.00 7.20 -18.26
N GLU A 287 3.17 6.79 -17.76
CA GLU A 287 4.20 6.11 -18.59
C GLU A 287 3.81 4.64 -18.74
N ARG A 288 3.26 4.25 -19.90
CA ARG A 288 3.19 2.83 -20.37
C ARG A 288 4.13 2.69 -21.57
N LYS A 289 4.98 1.65 -21.58
CA LYS A 289 5.72 1.22 -22.79
C LYS A 289 5.41 -0.25 -23.10
N MET A 290 5.65 -0.66 -24.34
CA MET A 290 5.39 -2.04 -24.81
C MET A 290 6.35 -2.35 -25.96
N ILE A 291 7.17 -3.39 -25.81
CA ILE A 291 8.02 -4.00 -26.88
C ILE A 291 7.58 -5.45 -27.09
N THR A 292 7.82 -5.99 -28.28
CA THR A 292 7.59 -7.42 -28.62
C THR A 292 8.93 -8.01 -29.04
N ILE A 293 9.38 -9.08 -28.39
CA ILE A 293 10.65 -9.78 -28.75
C ILE A 293 10.35 -10.61 -29.99
N ARG A 294 11.18 -10.49 -31.02
CA ARG A 294 10.93 -11.12 -32.35
C ARG A 294 11.33 -12.60 -32.28
N GLY A 295 10.47 -13.49 -32.78
CA GLY A 295 10.71 -14.95 -32.80
C GLY A 295 10.33 -15.64 -31.50
N SER A 296 10.01 -14.88 -30.46
CA SER A 296 9.80 -15.42 -29.09
C SER A 296 8.43 -16.08 -29.02
N VAL A 297 8.29 -17.02 -28.09
CA VAL A 297 7.02 -17.69 -27.67
C VAL A 297 6.80 -17.40 -26.17
N HIS A 298 5.62 -17.71 -25.64
CA HIS A 298 5.21 -17.42 -24.25
C HIS A 298 6.28 -17.88 -23.26
N GLN A 299 6.83 -19.07 -23.50
CA GLN A 299 7.68 -19.81 -22.55
C GLN A 299 9.14 -19.33 -22.59
N ASN A 300 9.51 -18.47 -23.54
CA ASN A 300 10.87 -17.87 -23.67
C ASN A 300 11.29 -17.03 -22.43
N PHE A 301 10.35 -16.74 -21.51
CA PHE A 301 10.55 -15.95 -20.26
C PHE A 301 10.82 -16.86 -19.07
N ALA A 302 10.32 -18.10 -19.08
CA ALA A 302 10.56 -19.11 -18.01
C ALA A 302 11.76 -20.00 -18.37
N ASP A 303 12.24 -20.80 -17.41
CA ASP A 303 13.56 -21.48 -17.47
C ASP A 303 13.52 -22.80 -18.25
N PHE A 304 12.33 -23.28 -18.65
CA PHE A 304 12.17 -24.54 -19.44
C PHE A 304 12.61 -24.28 -20.89
N THR A 305 12.71 -23.03 -21.29
CA THR A 305 13.27 -22.62 -22.60
C THR A 305 14.71 -23.12 -22.65
N PHE A 306 15.35 -23.30 -21.48
CA PHE A 306 16.79 -23.62 -21.34
C PHE A 306 17.02 -25.08 -20.94
N ALA A 307 15.97 -25.88 -20.73
CA ALA A 307 16.05 -27.22 -20.10
C ALA A 307 16.07 -28.34 -21.15
N THR A 308 16.02 -28.03 -22.46
CA THR A 308 16.06 -29.00 -23.58
C THR A 308 16.96 -28.47 -24.71
N GLY A 309 17.04 -29.20 -25.83
CA GLY A 309 17.85 -28.84 -27.01
C GLY A 309 17.02 -28.11 -28.03
N LYS A 310 17.66 -27.64 -29.12
CA LYS A 310 16.97 -26.88 -30.19
C LYS A 310 15.67 -27.65 -30.51
N ILE A 311 15.74 -28.73 -31.30
CA ILE A 311 14.57 -29.38 -31.98
C ILE A 311 13.48 -29.83 -30.98
N ILE A 312 13.86 -30.33 -29.78
CA ILE A 312 12.89 -30.79 -28.75
C ILE A 312 12.10 -29.59 -28.22
N GLY A 313 12.81 -28.50 -27.88
CA GLY A 313 12.26 -27.20 -27.44
C GLY A 313 11.17 -26.69 -28.37
N HIS A 314 11.48 -26.52 -29.66
CA HIS A 314 10.54 -26.02 -30.71
C HIS A 314 9.40 -27.04 -30.79
N MET A 315 9.69 -28.34 -30.57
CA MET A 315 8.67 -29.43 -30.56
C MET A 315 7.60 -29.10 -29.51
N LEU A 316 8.03 -28.82 -28.26
CA LEU A 316 7.10 -28.62 -27.11
C LEU A 316 6.76 -27.14 -26.91
N LYS A 317 7.35 -26.24 -27.70
CA LYS A 317 6.97 -24.79 -27.73
C LYS A 317 7.64 -24.07 -26.54
N LEU A 318 8.70 -24.65 -25.99
CA LEU A 318 9.57 -24.04 -24.96
C LEU A 318 10.60 -23.14 -25.63
N LYS A 319 10.75 -23.23 -26.96
CA LYS A 319 11.73 -22.46 -27.77
C LYS A 319 11.04 -22.00 -29.05
N GLY A 320 11.38 -20.78 -29.48
CA GLY A 320 10.94 -20.21 -30.76
C GLY A 320 12.12 -20.07 -31.71
N ASP A 321 11.99 -19.18 -32.69
CA ASP A 321 12.96 -18.98 -33.79
C ASP A 321 14.22 -18.36 -33.19
N ILE A 322 14.07 -17.25 -32.46
CA ILE A 322 15.18 -16.50 -31.77
C ILE A 322 15.92 -17.44 -30.81
N ASP A 323 17.21 -17.21 -30.58
CA ASP A 323 17.96 -17.92 -29.51
C ASP A 323 17.30 -17.61 -28.15
N SER A 324 17.37 -18.54 -27.18
CA SER A 324 16.76 -18.37 -25.82
C SER A 324 17.56 -17.35 -25.00
N ASN A 325 18.88 -17.35 -25.16
CA ASN A 325 19.81 -16.45 -24.44
C ASN A 325 19.67 -15.01 -24.96
N VAL A 326 19.46 -14.87 -26.27
CA VAL A 326 19.30 -13.54 -26.93
C VAL A 326 18.05 -12.89 -26.32
N ALA A 327 16.99 -13.69 -26.15
CA ALA A 327 15.63 -13.21 -25.81
C ALA A 327 15.57 -12.82 -24.34
N ILE A 328 16.25 -13.54 -23.46
CA ILE A 328 16.20 -13.24 -22.00
C ILE A 328 17.14 -12.09 -21.66
N ASP A 329 18.19 -11.90 -22.46
CA ASP A 329 19.16 -10.77 -22.37
C ASP A 329 18.45 -9.47 -22.75
N LEU A 330 17.71 -9.51 -23.86
CA LEU A 330 16.88 -8.38 -24.35
C LEU A 330 15.81 -8.07 -23.31
N SER A 331 14.95 -9.03 -22.98
CA SER A 331 13.97 -8.93 -21.88
C SER A 331 14.65 -8.32 -20.66
N ASN A 332 15.76 -8.92 -20.21
CA ASN A 332 16.44 -8.55 -18.94
C ASN A 332 17.08 -7.17 -19.09
N LYS A 333 17.77 -6.86 -20.19
CA LYS A 333 18.44 -5.54 -20.34
C LYS A 333 17.39 -4.44 -20.43
N ALA A 334 16.25 -4.67 -21.09
CA ALA A 334 15.15 -3.67 -21.18
C ALA A 334 14.54 -3.51 -19.78
N SER A 335 14.52 -4.60 -19.02
CA SER A 335 13.96 -4.59 -17.64
C SER A 335 14.81 -3.66 -16.78
N LEU A 336 16.12 -3.89 -16.77
CA LEU A 336 17.13 -3.14 -15.99
C LEU A 336 17.06 -1.65 -16.36
N ALA A 337 16.86 -1.35 -17.65
CA ALA A 337 16.65 0.03 -18.18
C ALA A 337 15.41 0.66 -17.54
N PHE A 338 14.29 -0.06 -17.46
CA PHE A 338 12.99 0.47 -16.98
C PHE A 338 13.04 0.64 -15.47
N LEU A 339 13.74 -0.29 -14.80
CA LEU A 339 13.99 -0.23 -13.34
C LEU A 339 14.85 1.01 -12.97
N GLN A 340 15.98 1.23 -13.66
CA GLN A 340 16.86 2.41 -13.42
C GLN A 340 16.01 3.67 -13.64
N LYS A 341 15.37 3.78 -14.81
CA LYS A 341 14.58 4.95 -15.24
C LYS A 341 13.63 5.31 -14.09
N HIS A 342 12.89 4.36 -13.53
CA HIS A 342 11.70 4.62 -12.67
C HIS A 342 11.90 4.24 -11.21
N LEU A 343 13.00 3.60 -10.83
CA LEU A 343 13.35 3.39 -9.39
C LEU A 343 14.37 4.44 -8.97
N GLY A 344 15.07 5.02 -9.96
CA GLY A 344 16.18 5.94 -9.74
C GLY A 344 17.38 5.16 -9.25
N LEU A 345 17.83 4.21 -10.05
CA LEU A 345 19.06 3.43 -9.74
C LEU A 345 20.29 4.15 -10.25
N HIS A 346 21.33 4.14 -9.44
CA HIS A 346 22.59 4.85 -9.72
C HIS A 346 23.51 3.91 -10.50
N LYS A 347 23.09 3.48 -11.70
CA LYS A 347 23.73 2.33 -12.40
C LYS A 347 23.90 2.65 -13.91
N ASP A 348 24.52 1.73 -14.66
CA ASP A 348 24.91 1.85 -16.11
C ASP A 348 23.79 1.32 -17.03
N PHE A 349 22.57 1.04 -16.52
CA PHE A 349 21.52 0.25 -17.24
C PHE A 349 20.85 1.10 -18.32
N ASP A 350 21.04 2.42 -18.24
CA ASP A 350 20.39 3.38 -19.16
C ASP A 350 21.02 3.24 -20.55
N GLN A 351 22.16 2.53 -20.64
CA GLN A 351 22.82 2.16 -21.93
C GLN A 351 21.84 1.35 -22.79
N TRP A 352 20.86 0.70 -22.15
CA TRP A 352 19.85 -0.16 -22.83
C TRP A 352 18.52 0.58 -23.02
N ASP A 353 18.46 1.87 -22.70
CA ASP A 353 17.24 2.70 -22.91
C ASP A 353 16.66 2.49 -24.31
N CYS A 354 17.46 2.23 -25.34
CA CYS A 354 17.01 2.04 -26.75
C CYS A 354 16.12 0.81 -26.86
N LEU A 355 16.36 -0.19 -26.00
CA LEU A 355 15.53 -1.43 -25.95
C LEU A 355 14.12 -1.07 -25.46
N ILE A 356 13.99 -0.19 -24.46
CA ILE A 356 12.65 0.20 -23.92
C ILE A 356 11.78 0.75 -25.07
N GLU A 357 12.39 1.24 -26.14
CA GLU A 357 11.73 1.84 -27.33
C GLU A 357 11.61 0.76 -28.42
N GLY A 358 12.28 -0.37 -28.22
CA GLY A 358 12.30 -1.46 -29.20
C GLY A 358 13.21 -1.14 -30.38
N ASP A 359 14.22 -0.30 -30.20
CA ASP A 359 15.27 -0.12 -31.24
C ASP A 359 16.35 -1.20 -31.06
N ASP A 360 16.11 -2.37 -31.66
CA ASP A 360 17.06 -3.50 -31.80
C ASP A 360 16.48 -4.41 -32.90
N GLU A 361 17.35 -5.18 -33.57
CA GLU A 361 16.98 -6.02 -34.73
C GLU A 361 15.87 -6.97 -34.30
N ASN A 362 15.90 -7.39 -33.02
CA ASN A 362 15.08 -8.51 -32.49
C ASN A 362 13.88 -7.97 -31.67
N LEU A 363 13.70 -6.65 -31.61
CA LEU A 363 12.54 -6.03 -30.92
C LEU A 363 11.63 -5.36 -31.94
N ILE A 364 10.33 -5.45 -31.69
CA ILE A 364 9.24 -4.69 -32.38
C ILE A 364 8.77 -3.66 -31.36
N PRO A 365 8.89 -2.36 -31.68
CA PRO A 365 8.26 -1.34 -30.83
C PRO A 365 6.78 -1.74 -30.74
N GLY A 366 6.14 -1.63 -29.58
CA GLY A 366 4.72 -1.98 -29.38
C GLY A 366 4.41 -3.44 -29.70
N THR A 367 3.42 -3.72 -30.56
CA THR A 367 2.93 -5.10 -30.82
C THR A 367 2.69 -5.34 -32.32
N ASN A 368 2.79 -6.61 -32.73
CA ASN A 368 2.50 -7.13 -34.09
C ASN A 368 1.03 -7.52 -34.24
N ILE A 369 0.15 -7.08 -33.32
CA ILE A 369 -1.34 -7.24 -33.34
C ILE A 369 -2.00 -5.85 -33.45
N THR B 1 -24.94 25.81 15.90
CA THR B 1 -23.46 25.51 15.95
C THR B 1 -22.62 26.72 15.48
N LYS B 2 -21.51 26.97 16.15
CA LYS B 2 -20.57 28.03 15.70
C LYS B 2 -19.61 27.43 14.66
N ILE B 3 -19.74 26.12 14.34
CA ILE B 3 -18.75 25.42 13.47
C ILE B 3 -18.96 25.92 12.04
N PRO B 4 -17.94 26.54 11.41
CA PRO B 4 -18.12 27.17 10.10
C PRO B 4 -18.58 26.19 9.02
N ARG B 5 -19.59 26.60 8.25
CA ARG B 5 -20.00 25.97 6.97
C ARG B 5 -18.80 25.99 5.99
N GLY B 6 -18.71 25.00 5.10
CA GLY B 6 -17.63 24.86 4.11
C GLY B 6 -17.60 26.05 3.15
N ASN B 7 -16.41 26.59 2.91
CA ASN B 7 -16.21 27.79 2.06
C ASN B 7 -16.06 27.35 0.60
N GLY B 8 -16.21 26.07 0.28
CA GLY B 8 -16.00 25.58 -1.10
C GLY B 8 -17.30 25.49 -1.87
N PRO B 9 -17.26 25.27 -3.20
CA PRO B 9 -18.48 25.25 -4.01
C PRO B 9 -19.37 24.00 -3.86
N TYR B 10 -18.85 22.88 -3.36
CA TYR B 10 -19.64 21.61 -3.27
C TYR B 10 -20.51 21.67 -2.02
N SER B 11 -21.79 21.32 -2.16
CA SER B 11 -22.67 20.90 -1.03
C SER B 11 -21.96 19.71 -0.36
N VAL B 12 -22.06 19.59 0.98
CA VAL B 12 -21.32 18.57 1.79
C VAL B 12 -22.27 17.62 2.51
N GLY B 13 -22.11 16.31 2.27
CA GLY B 13 -22.76 15.23 3.02
C GLY B 13 -21.80 14.66 4.06
N CYS B 14 -22.35 13.90 5.02
CA CYS B 14 -21.62 13.21 6.12
C CYS B 14 -22.39 11.96 6.53
N THR B 15 -21.71 10.82 6.65
CA THR B 15 -22.24 9.54 7.20
C THR B 15 -21.18 8.93 8.12
N ASP B 16 -21.51 7.81 8.76
CA ASP B 16 -20.53 6.92 9.44
C ASP B 16 -20.49 5.56 8.73
N LEU B 17 -19.45 4.78 9.00
CA LEU B 17 -19.17 3.46 8.38
C LEU B 17 -18.29 2.67 9.36
N MET B 18 -18.80 1.53 9.78
CA MET B 18 -18.02 0.53 10.55
C MET B 18 -18.04 -0.77 9.75
N PHE B 19 -16.85 -1.23 9.33
CA PHE B 19 -16.58 -2.57 8.73
C PHE B 19 -15.15 -2.98 9.09
N ASP B 20 -14.97 -4.26 9.45
CA ASP B 20 -16.06 -5.08 9.94
C ASP B 20 -16.49 -4.53 11.32
N HIS B 21 -17.45 -5.21 11.95
CA HIS B 21 -18.18 -4.77 13.17
C HIS B 21 -17.28 -4.85 14.40
N THR B 22 -16.12 -5.50 14.34
CA THR B 22 -15.34 -5.88 15.55
C THR B 22 -14.39 -4.74 15.93
N ASN B 23 -13.78 -4.90 17.10
CA ASN B 23 -12.76 -3.97 17.66
C ASN B 23 -11.50 -3.96 16.76
N LYS B 24 -11.45 -4.79 15.71
CA LYS B 24 -10.27 -4.93 14.79
C LYS B 24 -10.62 -4.40 13.39
N GLY B 25 -11.92 -4.31 13.04
CA GLY B 25 -12.40 -3.60 11.84
C GLY B 25 -12.26 -2.08 11.96
N THR B 26 -12.81 -1.37 10.97
CA THR B 26 -12.51 0.05 10.68
C THR B 26 -13.74 0.88 11.04
N PHE B 27 -13.56 1.91 11.85
CA PHE B 27 -14.61 2.91 12.16
C PHE B 27 -14.15 4.30 11.67
N LEU B 28 -14.98 4.93 10.84
CA LEU B 28 -14.64 6.26 10.29
C LEU B 28 -15.91 7.09 10.09
N ARG B 29 -15.82 8.40 10.29
CA ARG B 29 -16.87 9.31 9.78
C ARG B 29 -16.40 9.77 8.39
N LEU B 30 -17.34 9.91 7.44
CA LEU B 30 -17.06 10.30 6.05
C LEU B 30 -17.72 11.67 5.76
N TYR B 31 -16.93 12.63 5.28
CA TYR B 31 -17.43 13.89 4.71
C TYR B 31 -17.12 13.81 3.23
N TYR B 32 -18.07 14.20 2.37
CA TYR B 32 -18.03 14.02 0.90
C TYR B 32 -18.93 15.02 0.19
N PRO B 33 -18.63 15.40 -1.07
CA PRO B 33 -19.53 16.24 -1.85
C PRO B 33 -20.88 15.51 -2.00
N SER B 34 -22.00 16.16 -1.59
CA SER B 34 -23.38 15.60 -1.61
C SER B 34 -24.16 16.20 -2.77
N GLN B 35 -25.12 15.43 -3.31
CA GLN B 35 -26.03 15.88 -4.39
C GLN B 35 -26.84 17.04 -3.81
N ASP B 36 -27.60 16.80 -2.73
CA ASP B 36 -28.57 17.77 -2.13
C ASP B 36 -27.89 18.55 -0.99
N ASN B 37 -28.16 19.86 -0.89
CA ASN B 37 -27.67 20.81 0.16
C ASN B 37 -28.76 21.04 1.24
N ASP B 38 -29.74 20.11 1.32
CA ASP B 38 -31.11 20.27 1.88
C ASP B 38 -31.15 20.73 3.35
N ARG B 39 -30.27 20.22 4.22
CA ARG B 39 -30.39 20.34 5.70
C ARG B 39 -29.03 20.07 6.37
N LEU B 40 -28.47 21.02 7.13
CA LEU B 40 -27.15 20.90 7.83
C LEU B 40 -27.40 20.41 9.25
N ASP B 41 -27.75 19.13 9.36
CA ASP B 41 -28.40 18.53 10.56
C ASP B 41 -27.55 17.42 11.20
N THR B 42 -26.34 17.11 10.70
CA THR B 42 -25.45 16.10 11.30
C THR B 42 -25.24 16.40 12.78
N LEU B 43 -25.41 15.41 13.64
CA LEU B 43 -25.10 15.53 15.10
C LEU B 43 -23.57 15.67 15.25
N TRP B 44 -23.08 16.58 16.10
CA TRP B 44 -21.62 16.84 16.30
C TRP B 44 -21.00 15.73 17.16
N ILE B 45 -21.58 15.49 18.33
CA ILE B 45 -21.15 14.38 19.24
C ILE B 45 -22.38 13.53 19.52
N PRO B 46 -22.53 12.40 18.80
CA PRO B 46 -23.80 11.68 18.73
C PRO B 46 -24.08 10.63 19.83
N ASN B 47 -23.26 10.54 20.87
CA ASN B 47 -23.42 9.53 21.94
C ASN B 47 -22.96 10.07 23.32
N LYS B 48 -23.81 9.88 24.33
CA LYS B 48 -23.59 10.17 25.77
C LYS B 48 -22.20 9.72 26.22
N GLU B 49 -21.76 8.54 25.75
CA GLU B 49 -20.51 7.84 26.17
C GLU B 49 -19.28 8.68 25.77
N TYR B 50 -19.37 9.47 24.69
CA TYR B 50 -18.27 10.36 24.24
C TYR B 50 -18.04 11.43 25.32
N PHE B 51 -19.10 12.02 25.87
CA PHE B 51 -19.03 13.08 26.91
C PHE B 51 -18.50 12.45 28.20
N TRP B 52 -18.84 11.19 28.45
CA TRP B 52 -18.31 10.46 29.63
C TRP B 52 -16.81 10.25 29.39
N GLY B 53 -16.44 10.03 28.12
CA GLY B 53 -15.04 9.87 27.66
C GLY B 53 -14.24 11.15 27.82
N LEU B 54 -14.79 12.29 27.39
CA LEU B 54 -14.14 13.64 27.47
C LEU B 54 -13.90 14.03 28.94
N SER B 55 -14.83 13.63 29.82
CA SER B 55 -14.79 13.90 31.28
C SER B 55 -13.63 13.10 31.89
N LYS B 56 -13.49 11.82 31.51
CA LYS B 56 -12.36 10.97 31.96
C LYS B 56 -11.06 11.62 31.49
N PHE B 57 -11.03 12.08 30.25
CA PHE B 57 -9.84 12.67 29.58
C PHE B 57 -9.45 13.98 30.27
N LEU B 58 -10.39 14.92 30.34
CA LEU B 58 -10.13 16.27 30.89
C LEU B 58 -9.71 16.15 32.36
N GLY B 59 -10.12 15.09 33.06
CA GLY B 59 -9.79 14.84 34.47
C GLY B 59 -10.99 15.07 35.39
N THR B 60 -12.05 15.67 34.86
CA THR B 60 -13.24 16.16 35.62
C THR B 60 -13.99 14.97 36.23
N HIS B 61 -14.87 15.26 37.20
CA HIS B 61 -15.77 14.29 37.90
C HIS B 61 -16.74 13.66 36.88
N TRP B 62 -17.58 12.73 37.35
CA TRP B 62 -18.65 12.08 36.53
C TRP B 62 -19.74 13.10 36.17
N LEU B 63 -19.94 14.13 37.00
CA LEU B 63 -21.02 15.14 36.82
C LEU B 63 -20.67 16.06 35.65
N MET B 64 -19.38 16.34 35.43
CA MET B 64 -18.92 17.24 34.33
C MET B 64 -19.42 16.72 32.99
N GLY B 65 -19.39 15.40 32.77
CA GLY B 65 -19.85 14.77 31.52
C GLY B 65 -21.26 15.22 31.14
N ASN B 66 -22.19 15.07 32.09
CA ASN B 66 -23.64 15.37 31.88
C ASN B 66 -23.83 16.89 31.75
N ILE B 67 -22.95 17.69 32.36
CA ILE B 67 -22.88 19.16 32.10
C ILE B 67 -22.61 19.32 30.60
N LEU B 68 -21.45 18.84 30.13
CA LEU B 68 -20.98 18.92 28.70
C LEU B 68 -22.06 18.41 27.75
N ARG B 69 -22.70 17.29 28.12
CA ARG B 69 -23.82 16.68 27.35
C ARG B 69 -25.06 17.58 27.38
N LEU B 70 -25.32 18.26 28.51
CA LEU B 70 -26.48 19.18 28.68
C LEU B 70 -26.28 20.39 27.75
N LEU B 71 -25.02 20.82 27.53
CA LEU B 71 -24.65 22.00 26.70
C LEU B 71 -24.60 21.61 25.21
N PHE B 72 -23.99 20.48 24.86
CA PHE B 72 -23.52 20.16 23.48
C PHE B 72 -24.26 18.99 22.83
N GLY B 73 -24.81 18.06 23.62
CA GLY B 73 -25.55 16.87 23.16
C GLY B 73 -26.38 17.13 21.91
N SER B 74 -26.93 18.35 21.77
CA SER B 74 -27.90 18.72 20.72
C SER B 74 -27.22 19.41 19.53
N MET B 75 -25.96 19.86 19.69
CA MET B 75 -25.26 20.69 18.68
C MET B 75 -25.03 19.91 17.38
N THR B 76 -25.26 20.56 16.24
CA THR B 76 -24.94 20.06 14.89
C THR B 76 -23.62 20.67 14.37
N THR B 77 -23.13 20.09 13.26
CA THR B 77 -21.99 20.56 12.44
C THR B 77 -22.55 20.61 11.02
N PRO B 78 -22.19 21.62 10.19
CA PRO B 78 -22.87 21.86 8.91
C PRO B 78 -22.51 20.90 7.75
N ALA B 79 -23.33 19.87 7.56
CA ALA B 79 -23.16 18.76 6.59
C ALA B 79 -24.47 17.97 6.53
N ASN B 80 -24.96 17.66 5.33
CA ASN B 80 -26.27 16.99 5.15
C ASN B 80 -26.06 15.52 5.48
N TRP B 81 -26.79 15.03 6.47
CA TRP B 81 -26.63 13.66 7.05
C TRP B 81 -27.18 12.62 6.07
N ASN B 82 -26.37 11.64 5.69
CA ASN B 82 -26.75 10.53 4.80
C ASN B 82 -27.26 11.09 3.47
N SER B 83 -26.81 12.28 3.08
CA SER B 83 -27.13 12.88 1.76
C SER B 83 -26.47 12.00 0.72
N PRO B 84 -27.11 11.74 -0.44
CA PRO B 84 -26.45 10.94 -1.46
C PRO B 84 -25.06 11.53 -1.74
N LEU B 85 -24.14 10.74 -2.26
CA LEU B 85 -22.86 11.24 -2.84
C LEU B 85 -23.19 11.97 -4.15
N ARG B 86 -22.50 13.09 -4.44
CA ARG B 86 -22.61 13.77 -5.75
C ARG B 86 -21.92 12.87 -6.75
N PRO B 87 -22.58 12.45 -7.86
CA PRO B 87 -21.98 11.52 -8.83
C PRO B 87 -21.16 12.14 -9.97
N GLY B 88 -20.54 11.30 -10.80
CA GLY B 88 -19.95 11.68 -12.10
C GLY B 88 -18.56 12.26 -12.00
N GLU B 89 -17.89 12.11 -10.86
CA GLU B 89 -16.48 12.56 -10.67
C GLU B 89 -15.81 11.62 -9.66
N LYS B 90 -14.55 11.25 -9.90
CA LYS B 90 -13.71 10.47 -8.93
C LYS B 90 -12.89 11.48 -8.13
N TYR B 91 -13.14 11.55 -6.81
CA TYR B 91 -12.67 12.62 -5.89
C TYR B 91 -11.36 12.21 -5.22
N PRO B 92 -10.44 13.16 -4.99
CA PRO B 92 -9.28 12.89 -4.16
C PRO B 92 -9.78 12.55 -2.74
N LEU B 93 -8.98 11.80 -2.00
CA LEU B 93 -9.38 11.20 -0.71
C LEU B 93 -8.39 11.64 0.35
N VAL B 94 -8.88 11.99 1.53
CA VAL B 94 -8.04 12.31 2.72
C VAL B 94 -8.52 11.46 3.88
N VAL B 95 -7.61 10.69 4.48
CA VAL B 95 -7.79 9.95 5.76
C VAL B 95 -7.26 10.84 6.88
N PHE B 96 -8.10 11.07 7.91
CA PHE B 96 -7.85 12.03 9.01
C PHE B 96 -7.65 11.31 10.34
N SER B 97 -6.63 11.67 11.11
CA SER B 97 -6.33 11.00 12.41
C SER B 97 -6.52 12.00 13.54
N HIS B 98 -7.41 11.70 14.48
CA HIS B 98 -7.83 12.60 15.59
C HIS B 98 -6.71 12.60 16.62
N GLY B 99 -6.54 13.68 17.38
CA GLY B 99 -5.48 13.76 18.42
C GLY B 99 -5.84 12.90 19.61
N LEU B 100 -5.03 12.91 20.67
CA LEU B 100 -5.31 12.16 21.91
C LEU B 100 -6.47 12.82 22.64
N GLY B 101 -7.43 12.01 23.08
CA GLY B 101 -8.61 12.42 23.86
C GLY B 101 -9.73 12.96 23.00
N ALA B 102 -9.62 12.86 21.67
CA ALA B 102 -10.68 13.24 20.72
C ALA B 102 -11.26 11.96 20.14
N PHE B 103 -12.00 12.05 19.02
CA PHE B 103 -12.60 10.90 18.29
C PHE B 103 -13.05 11.42 16.92
N ARG B 104 -13.64 10.58 16.08
CA ARG B 104 -13.76 10.82 14.61
C ARG B 104 -14.44 12.17 14.31
N THR B 105 -15.39 12.62 15.15
CA THR B 105 -16.37 13.70 14.82
C THR B 105 -15.83 15.09 15.20
N LEU B 106 -14.69 15.20 15.87
CA LEU B 106 -14.24 16.48 16.52
C LEU B 106 -13.32 17.31 15.61
N TYR B 107 -13.26 16.99 14.30
CA TYR B 107 -12.44 17.74 13.32
C TYR B 107 -13.22 17.97 12.03
N SER B 108 -14.51 18.26 12.19
CA SER B 108 -15.49 18.47 11.10
C SER B 108 -15.32 19.85 10.44
N ALA B 109 -14.72 20.83 11.08
CA ALA B 109 -14.42 22.14 10.44
C ALA B 109 -13.41 21.93 9.29
N ILE B 110 -12.32 21.21 9.53
CA ILE B 110 -11.37 20.72 8.49
C ILE B 110 -12.16 19.83 7.48
N GLY B 111 -12.82 18.77 7.98
CA GLY B 111 -13.46 17.75 7.13
C GLY B 111 -14.46 18.37 6.16
N ILE B 112 -15.31 19.28 6.66
CA ILE B 112 -16.40 19.95 5.89
C ILE B 112 -15.78 20.96 4.93
N ASP B 113 -14.74 21.70 5.31
CA ASP B 113 -14.13 22.64 4.33
C ASP B 113 -13.59 21.81 3.16
N LEU B 114 -12.79 20.78 3.48
CA LEU B 114 -12.07 19.91 2.50
C LEU B 114 -13.04 19.35 1.46
N ALA B 115 -14.09 18.63 1.91
CA ALA B 115 -15.19 18.06 1.09
C ALA B 115 -15.86 19.12 0.22
N SER B 116 -16.09 20.32 0.79
CA SER B 116 -16.71 21.48 0.12
C SER B 116 -15.83 21.89 -1.06
N HIS B 117 -14.54 21.53 -1.06
CA HIS B 117 -13.59 21.77 -2.19
C HIS B 117 -13.37 20.49 -3.04
N GLY B 118 -14.23 19.48 -2.88
CA GLY B 118 -14.29 18.31 -3.79
C GLY B 118 -13.40 17.17 -3.32
N PHE B 119 -13.17 17.09 -2.01
CA PHE B 119 -12.49 15.95 -1.35
C PHE B 119 -13.51 14.99 -0.69
N ILE B 120 -13.21 13.69 -0.73
CA ILE B 120 -13.79 12.73 0.25
C ILE B 120 -12.82 12.67 1.43
N VAL B 121 -13.35 12.65 2.65
CA VAL B 121 -12.59 12.69 3.94
C VAL B 121 -13.03 11.53 4.85
N ALA B 122 -12.11 10.62 5.16
CA ALA B 122 -12.33 9.51 6.08
C ALA B 122 -11.65 9.84 7.42
N ALA B 123 -12.41 10.37 8.37
CA ALA B 123 -11.94 10.63 9.75
C ALA B 123 -12.16 9.32 10.51
N VAL B 124 -11.06 8.63 10.80
CA VAL B 124 -11.06 7.29 11.44
C VAL B 124 -11.18 7.51 12.93
N GLU B 125 -11.82 6.58 13.63
CA GLU B 125 -11.84 6.55 15.12
C GLU B 125 -10.86 5.46 15.58
N HIS B 126 -9.77 5.86 16.22
CA HIS B 126 -8.73 4.92 16.69
C HIS B 126 -9.31 4.03 17.80
N ARG B 127 -9.09 2.72 17.67
CA ARG B 127 -9.38 1.67 18.70
C ARG B 127 -8.09 1.31 19.44
N ASP B 128 -7.26 2.30 19.79
CA ASP B 128 -5.93 2.12 20.44
C ASP B 128 -5.98 2.60 21.90
N ARG B 129 -7.15 3.08 22.35
CA ARG B 129 -7.38 3.64 23.72
C ARG B 129 -6.67 5.01 23.79
N SER B 130 -6.51 5.64 22.63
CA SER B 130 -6.09 7.06 22.46
C SER B 130 -7.34 7.95 22.44
N ALA B 131 -8.46 7.42 21.95
CA ALA B 131 -9.71 8.21 21.87
C ALA B 131 -10.33 8.28 23.28
N SER B 132 -10.88 9.45 23.65
CA SER B 132 -11.72 9.64 24.85
C SER B 132 -12.69 8.46 24.99
N ALA B 133 -13.40 8.11 23.91
CA ALA B 133 -14.29 6.94 23.81
C ALA B 133 -14.53 6.55 22.35
N THR B 134 -14.54 5.25 22.06
CA THR B 134 -15.04 4.65 20.81
C THR B 134 -15.83 3.39 21.17
N TYR B 135 -16.39 2.74 20.15
CA TYR B 135 -17.18 1.50 20.32
C TYR B 135 -17.10 0.59 19.11
N TYR B 136 -17.61 -0.61 19.31
CA TYR B 136 -17.54 -1.74 18.35
C TYR B 136 -18.56 -2.77 18.85
N PHE B 137 -18.65 -3.87 18.13
CA PHE B 137 -19.67 -4.91 18.37
C PHE B 137 -18.95 -6.25 18.58
N LYS B 138 -19.42 -7.00 19.58
CA LYS B 138 -18.86 -8.31 19.98
C LYS B 138 -19.42 -9.38 19.05
N ASP B 139 -20.42 -9.07 18.24
CA ASP B 139 -20.92 -10.05 17.25
C ASP B 139 -21.87 -9.34 16.29
N GLN B 140 -22.22 -10.05 15.20
CA GLN B 140 -23.10 -9.58 14.10
C GLN B 140 -24.50 -9.30 14.68
N SER B 141 -24.94 -10.04 15.68
CA SER B 141 -26.30 -9.89 16.29
C SER B 141 -26.34 -8.62 17.15
N ALA B 142 -25.32 -8.39 17.99
CA ALA B 142 -25.12 -7.14 18.77
C ALA B 142 -25.19 -5.91 17.85
N ALA B 143 -24.47 -5.94 16.72
CA ALA B 143 -24.43 -4.87 15.71
C ALA B 143 -25.82 -4.66 15.09
N GLU B 144 -26.49 -5.74 14.73
CA GLU B 144 -27.84 -5.67 14.14
C GLU B 144 -28.81 -5.01 15.13
N ILE B 145 -28.56 -5.16 16.44
CA ILE B 145 -29.47 -4.58 17.49
C ILE B 145 -28.69 -3.59 18.37
N GLY B 146 -27.79 -2.82 17.77
CA GLY B 146 -27.17 -1.60 18.36
C GLY B 146 -26.60 -1.79 19.76
N ASP B 147 -26.23 -3.02 20.15
CA ASP B 147 -25.69 -3.32 21.50
C ASP B 147 -24.18 -3.06 21.46
N LYS B 148 -23.77 -1.81 21.67
CA LYS B 148 -22.42 -1.35 21.30
C LYS B 148 -21.51 -1.42 22.52
N SER B 149 -20.35 -2.04 22.37
CA SER B 149 -19.30 -2.16 23.40
C SER B 149 -18.35 -0.94 23.33
N TRP B 150 -18.21 -0.23 24.46
CA TRP B 150 -17.47 1.05 24.56
C TRP B 150 -16.06 0.79 25.05
N LEU B 151 -15.06 1.28 24.30
CA LEU B 151 -13.62 1.29 24.72
C LEU B 151 -13.31 2.73 25.07
N TYR B 152 -12.77 2.97 26.28
CA TYR B 152 -12.50 4.34 26.83
C TYR B 152 -10.98 4.56 26.85
N LEU B 153 -10.58 5.84 26.79
CA LEU B 153 -9.16 6.28 26.93
C LEU B 153 -8.47 5.49 28.03
N ARG B 154 -7.20 5.15 27.83
CA ARG B 154 -6.30 4.56 28.85
C ARG B 154 -5.35 5.64 29.36
N THR B 155 -5.38 5.95 30.67
CA THR B 155 -4.37 6.81 31.34
C THR B 155 -3.11 5.96 31.57
N LEU B 156 -1.93 6.54 31.36
CA LEU B 156 -0.64 5.81 31.33
C LEU B 156 0.21 6.22 32.53
N LYS B 157 1.09 5.30 32.97
CA LYS B 157 2.09 5.51 34.06
C LYS B 157 3.42 5.94 33.40
N GLN B 158 4.12 6.92 33.98
CA GLN B 158 5.37 7.50 33.42
C GLN B 158 6.21 6.38 32.78
N GLU B 159 6.24 5.20 33.41
CA GLU B 159 7.03 4.02 32.95
C GLU B 159 6.56 3.56 31.58
N GLU B 160 5.24 3.65 31.34
CA GLU B 160 4.50 3.04 30.21
C GLU B 160 4.54 3.92 28.95
N GLU B 161 4.65 5.24 29.11
CA GLU B 161 4.45 6.22 28.00
C GLU B 161 5.29 5.77 26.78
N THR B 162 6.62 5.75 26.91
CA THR B 162 7.57 5.56 25.76
C THR B 162 7.26 4.28 25.01
N HIS B 163 6.90 3.20 25.70
CA HIS B 163 6.55 1.90 25.07
C HIS B 163 5.13 1.99 24.47
N ILE B 164 4.14 2.39 25.27
CA ILE B 164 2.70 2.30 24.89
C ILE B 164 2.36 3.31 23.78
N ARG B 165 2.91 4.54 23.83
CA ARG B 165 2.65 5.58 22.80
C ARG B 165 3.09 5.08 21.41
N ASN B 166 4.29 4.49 21.32
CA ASN B 166 4.83 3.98 20.04
C ASN B 166 4.05 2.75 19.57
N GLU B 167 3.48 1.95 20.48
CA GLU B 167 2.54 0.85 20.11
C GLU B 167 1.24 1.47 19.57
N GLN B 168 0.79 2.57 20.15
CA GLN B 168 -0.45 3.26 19.74
C GLN B 168 -0.27 3.87 18.33
N VAL B 169 0.87 4.50 18.05
CA VAL B 169 1.09 5.17 16.74
C VAL B 169 1.23 4.09 15.65
N ARG B 170 1.90 2.99 15.96
CA ARG B 170 1.95 1.84 15.02
C ARG B 170 0.52 1.34 14.77
N GLN B 171 -0.30 1.23 15.83
CA GLN B 171 -1.71 0.74 15.70
C GLN B 171 -2.51 1.73 14.85
N ARG B 172 -2.31 3.01 15.15
CA ARG B 172 -3.03 4.13 14.50
C ARG B 172 -2.75 4.12 13.00
N ALA B 173 -1.48 3.96 12.59
CA ALA B 173 -1.06 3.89 11.17
C ALA B 173 -1.74 2.68 10.51
N LYS B 174 -1.72 1.52 11.18
CA LYS B 174 -2.44 0.30 10.70
C LYS B 174 -3.92 0.64 10.49
N GLU B 175 -4.51 1.43 11.38
CA GLU B 175 -5.95 1.84 11.31
C GLU B 175 -6.21 2.74 10.09
N CYS B 176 -5.22 3.58 9.70
CA CYS B 176 -5.30 4.51 8.53
C CYS B 176 -5.20 3.73 7.23
N SER B 177 -4.31 2.75 7.22
CA SER B 177 -4.07 1.87 6.06
C SER B 177 -5.28 0.94 5.90
N GLN B 178 -5.77 0.41 7.01
CA GLN B 178 -6.96 -0.49 7.00
C GLN B 178 -8.18 0.31 6.47
N ALA B 179 -8.36 1.56 6.94
CA ALA B 179 -9.46 2.45 6.52
C ALA B 179 -9.35 2.74 5.01
N LEU B 180 -8.14 3.08 4.54
CA LEU B 180 -7.93 3.35 3.09
C LEU B 180 -8.37 2.10 2.32
N SER B 181 -7.80 0.93 2.65
CA SER B 181 -8.10 -0.37 1.98
C SER B 181 -9.62 -0.56 1.91
N LEU B 182 -10.33 -0.35 3.03
CA LEU B 182 -11.80 -0.49 3.07
C LEU B 182 -12.43 0.40 1.97
N ILE B 183 -12.00 1.65 1.87
CA ILE B 183 -12.57 2.66 0.93
C ILE B 183 -12.26 2.26 -0.51
N LEU B 184 -11.01 1.90 -0.81
CA LEU B 184 -10.60 1.52 -2.19
C LEU B 184 -11.30 0.20 -2.60
N ASP B 185 -11.50 -0.70 -1.64
CA ASP B 185 -12.23 -1.99 -1.88
C ASP B 185 -13.65 -1.64 -2.32
N ILE B 186 -14.36 -0.88 -1.50
CA ILE B 186 -15.71 -0.39 -1.88
C ILE B 186 -15.60 0.30 -3.24
N ASP B 187 -14.54 1.12 -3.42
CA ASP B 187 -14.30 1.92 -4.65
C ASP B 187 -14.36 1.01 -5.87
N HIS B 188 -13.67 -0.13 -5.84
CA HIS B 188 -13.62 -1.10 -6.97
C HIS B 188 -14.67 -2.21 -6.80
N GLY B 189 -15.72 -1.99 -5.98
CA GLY B 189 -16.96 -2.78 -6.03
C GLY B 189 -17.06 -3.88 -4.98
N LYS B 190 -16.02 -4.16 -4.18
CA LYS B 190 -16.19 -5.17 -3.12
C LYS B 190 -17.48 -4.77 -2.39
N PRO B 191 -18.49 -5.67 -2.25
CA PRO B 191 -19.71 -5.36 -1.50
C PRO B 191 -19.33 -5.26 -0.02
N VAL B 192 -19.94 -4.31 0.71
CA VAL B 192 -19.81 -4.18 2.19
C VAL B 192 -21.21 -4.00 2.77
N LYS B 193 -21.48 -4.60 3.93
CA LYS B 193 -22.66 -4.27 4.77
C LYS B 193 -22.12 -3.47 5.94
N ASN B 194 -22.44 -2.18 5.98
CA ASN B 194 -22.09 -1.29 7.11
C ASN B 194 -22.67 -1.91 8.39
N ALA B 195 -21.82 -2.15 9.40
CA ALA B 195 -22.21 -2.68 10.73
C ALA B 195 -23.24 -1.74 11.36
N LEU B 196 -23.23 -0.44 10.99
CA LEU B 196 -24.29 0.54 11.34
C LEU B 196 -25.37 0.51 10.25
N ASP B 197 -26.60 0.91 10.58
CA ASP B 197 -27.76 0.83 9.64
C ASP B 197 -28.29 2.24 9.39
N LEU B 198 -27.65 2.94 8.44
CA LEU B 198 -27.95 4.35 8.09
C LEU B 198 -28.57 4.39 6.68
N LYS B 199 -29.25 5.48 6.31
CA LYS B 199 -29.89 5.66 4.97
C LYS B 199 -28.84 5.65 3.83
N PHE B 200 -27.56 5.98 4.10
CA PHE B 200 -26.50 6.08 3.05
C PHE B 200 -26.11 4.69 2.56
N ASP B 201 -26.42 4.38 1.31
CA ASP B 201 -26.03 3.13 0.60
C ASP B 201 -24.57 3.26 0.17
N MET B 202 -23.65 2.51 0.79
CA MET B 202 -22.19 2.60 0.52
C MET B 202 -21.82 2.10 -0.88
N GLU B 203 -22.73 1.40 -1.60
CA GLU B 203 -22.51 1.03 -3.03
C GLU B 203 -22.17 2.31 -3.79
N GLN B 204 -22.85 3.45 -3.48
CA GLN B 204 -22.64 4.79 -4.07
C GLN B 204 -21.15 5.11 -4.26
N LEU B 205 -20.30 4.68 -3.32
CA LEU B 205 -18.84 4.95 -3.32
C LEU B 205 -18.12 4.24 -4.46
N LYS B 206 -18.72 3.22 -5.11
CA LYS B 206 -18.14 2.57 -6.32
C LYS B 206 -17.68 3.67 -7.27
N ASP B 207 -16.51 3.52 -7.86
CA ASP B 207 -15.98 4.42 -8.92
C ASP B 207 -16.01 5.88 -8.45
N SER B 208 -15.71 6.13 -7.18
CA SER B 208 -15.89 7.46 -6.52
C SER B 208 -14.56 8.05 -6.06
N ILE B 209 -13.46 7.32 -6.22
CA ILE B 209 -12.12 7.72 -5.70
C ILE B 209 -11.08 7.83 -6.83
N ASP B 210 -10.37 8.95 -6.87
CA ASP B 210 -9.14 9.12 -7.68
C ASP B 210 -7.99 8.50 -6.90
N ARG B 211 -7.59 7.28 -7.26
CA ARG B 211 -6.64 6.44 -6.47
C ARG B 211 -5.24 7.02 -6.48
N GLU B 212 -4.89 7.93 -7.40
CA GLU B 212 -3.55 8.57 -7.42
C GLU B 212 -3.57 9.91 -6.64
N LYS B 213 -4.69 10.23 -5.96
CA LYS B 213 -4.87 11.49 -5.18
C LYS B 213 -5.37 11.18 -3.76
N ILE B 214 -4.49 10.58 -2.96
CA ILE B 214 -4.78 10.16 -1.56
C ILE B 214 -3.70 10.79 -0.70
N ALA B 215 -4.09 11.33 0.44
CA ALA B 215 -3.19 11.96 1.43
C ALA B 215 -3.71 11.63 2.82
N VAL B 216 -2.85 11.87 3.80
CA VAL B 216 -3.15 11.61 5.24
C VAL B 216 -2.93 12.93 6.00
N ILE B 217 -3.88 13.30 6.86
CA ILE B 217 -3.84 14.53 7.68
C ILE B 217 -4.07 14.13 9.14
N GLY B 218 -3.46 14.83 10.08
CA GLY B 218 -3.54 14.40 11.48
C GLY B 218 -3.28 15.54 12.43
N HIS B 219 -4.03 15.59 13.52
CA HIS B 219 -3.86 16.63 14.57
C HIS B 219 -3.18 16.00 15.77
N SER B 220 -1.97 16.42 16.06
CA SER B 220 -1.31 16.22 17.36
C SER B 220 -0.79 14.78 17.43
N PHE B 221 -1.47 13.87 18.14
CA PHE B 221 -1.17 12.42 18.11
C PHE B 221 -1.35 11.95 16.67
N GLY B 222 -2.42 12.43 16.04
CA GLY B 222 -2.73 12.22 14.62
C GLY B 222 -1.64 12.75 13.69
N GLY B 223 -1.00 13.86 14.07
CA GLY B 223 0.13 14.38 13.31
C GLY B 223 1.22 13.33 13.28
N ALA B 224 1.62 12.81 14.44
CA ALA B 224 2.56 11.67 14.54
C ALA B 224 2.07 10.55 13.61
N THR B 225 0.76 10.27 13.68
CA THR B 225 0.08 9.18 12.96
C THR B 225 0.23 9.45 11.46
N VAL B 226 0.33 10.70 11.05
CA VAL B 226 0.62 11.07 9.63
C VAL B 226 2.00 10.54 9.24
N ILE B 227 2.98 10.84 10.06
CA ILE B 227 4.40 10.52 9.77
C ILE B 227 4.58 9.00 9.79
N GLN B 228 3.97 8.34 10.78
CA GLN B 228 4.04 6.86 10.92
C GLN B 228 3.39 6.20 9.70
N THR B 229 2.21 6.69 9.30
CA THR B 229 1.44 6.14 8.16
C THR B 229 2.25 6.30 6.88
N LEU B 230 2.71 7.53 6.58
CA LEU B 230 3.58 7.86 5.43
C LEU B 230 4.75 6.85 5.35
N SER B 231 5.43 6.60 6.48
CA SER B 231 6.61 5.70 6.51
C SER B 231 6.22 4.28 6.09
N GLU B 232 4.98 3.84 6.35
CA GLU B 232 4.50 2.44 6.22
C GLU B 232 3.79 2.21 4.87
N ASP B 233 3.18 3.22 4.21
CA ASP B 233 2.16 3.02 3.12
C ASP B 233 2.26 4.13 2.04
N GLN B 234 2.79 3.83 0.87
CA GLN B 234 3.08 4.83 -0.19
C GLN B 234 1.82 5.12 -1.01
N ARG B 235 0.68 4.51 -0.66
CA ARG B 235 -0.63 4.88 -1.27
C ARG B 235 -0.94 6.34 -0.93
N PHE B 236 -0.54 6.75 0.27
CA PHE B 236 -0.64 8.16 0.73
C PHE B 236 0.49 8.94 0.10
N ARG B 237 0.20 9.84 -0.85
CA ARG B 237 1.25 10.44 -1.74
C ARG B 237 1.84 11.71 -1.10
N CYS B 238 1.15 12.31 -0.14
CA CYS B 238 1.64 13.43 0.71
C CYS B 238 0.91 13.42 2.05
N GLY B 239 1.45 14.14 3.02
CA GLY B 239 0.88 14.22 4.39
C GLY B 239 0.84 15.63 4.91
N ILE B 240 -0.08 15.92 5.84
CA ILE B 240 -0.20 17.24 6.53
C ILE B 240 -0.39 16.98 8.02
N ALA B 241 0.59 17.36 8.80
CA ALA B 241 0.56 17.12 10.25
C ALA B 241 0.23 18.46 10.88
N LEU B 242 -0.89 18.50 11.62
CA LEU B 242 -1.40 19.72 12.29
C LEU B 242 -0.87 19.70 13.72
N ASP B 243 0.13 20.54 14.02
CA ASP B 243 0.69 20.74 15.38
C ASP B 243 0.97 19.35 15.93
N ALA B 244 1.80 18.61 15.22
CA ALA B 244 2.08 17.19 15.48
C ALA B 244 2.75 17.07 16.83
N TRP B 245 2.50 15.97 17.52
CA TRP B 245 3.19 15.59 18.79
C TRP B 245 4.16 14.44 18.48
N MET B 246 5.43 14.75 18.30
CA MET B 246 6.45 13.84 17.71
C MET B 246 6.86 12.70 18.66
N PHE B 247 6.47 12.72 19.93
CA PHE B 247 7.05 11.87 21.01
C PHE B 247 6.85 10.39 20.72
N PRO B 248 5.65 9.93 20.28
CA PRO B 248 5.41 8.50 20.04
C PRO B 248 6.29 7.81 18.99
N LEU B 249 6.97 8.57 18.12
CA LEU B 249 7.60 8.06 16.87
C LEU B 249 8.96 7.47 17.15
N GLY B 250 9.30 6.32 16.57
CA GLY B 250 10.67 5.76 16.61
C GLY B 250 11.64 6.50 15.69
N ASP B 251 12.93 6.46 15.99
CA ASP B 251 14.03 7.12 15.20
C ASP B 251 14.00 6.64 13.73
N GLU B 252 13.39 5.49 13.44
CA GLU B 252 13.52 4.79 12.14
C GLU B 252 12.62 5.45 11.07
N VAL B 253 11.54 6.16 11.46
CA VAL B 253 10.46 6.63 10.54
C VAL B 253 11.00 7.78 9.67
N TYR B 254 11.84 8.63 10.21
CA TYR B 254 12.34 9.85 9.53
C TYR B 254 12.95 9.46 8.18
N SER B 255 13.89 8.53 8.25
CA SER B 255 14.58 7.95 7.07
C SER B 255 13.59 7.46 6.00
N ARG B 256 12.39 7.01 6.36
CA ARG B 256 11.58 6.17 5.44
C ARG B 256 10.38 6.91 4.84
N ILE B 257 10.38 8.25 4.83
CA ILE B 257 9.22 9.01 4.29
C ILE B 257 9.70 9.77 3.07
N PRO B 258 9.53 9.19 1.85
CA PRO B 258 9.79 9.92 0.61
C PRO B 258 8.68 10.86 0.14
N GLN B 259 7.46 10.75 0.69
CA GLN B 259 6.32 11.62 0.30
C GLN B 259 6.51 13.05 0.83
N PRO B 260 6.05 14.08 0.09
CA PRO B 260 6.10 15.44 0.64
C PRO B 260 5.26 15.55 1.92
N LEU B 261 5.79 16.27 2.93
CA LEU B 261 5.22 16.43 4.29
C LEU B 261 5.15 17.91 4.68
N PHE B 262 3.95 18.37 5.07
CA PHE B 262 3.62 19.76 5.45
C PHE B 262 3.29 19.81 6.93
N PHE B 263 4.05 20.62 7.70
CA PHE B 263 3.84 20.86 9.15
C PHE B 263 3.12 22.20 9.31
N ILE B 264 1.90 22.18 9.85
CA ILE B 264 1.17 23.41 10.27
C ILE B 264 1.10 23.38 11.79
N ASN B 265 1.71 24.35 12.46
CA ASN B 265 1.86 24.35 13.94
C ASN B 265 1.07 25.52 14.52
N SER B 266 0.59 25.36 15.75
CA SER B 266 0.06 26.47 16.60
C SER B 266 1.29 27.20 17.13
N GLU B 267 1.11 28.45 17.54
CA GLU B 267 2.21 29.27 18.08
C GLU B 267 2.60 28.80 19.47
N TYR B 268 1.62 28.44 20.30
CA TYR B 268 1.78 28.44 21.78
C TYR B 268 2.20 27.07 22.33
N PHE B 269 1.96 25.98 21.56
CA PHE B 269 2.10 24.54 21.96
C PHE B 269 3.48 23.95 21.69
N GLN B 270 4.10 24.33 20.56
CA GLN B 270 5.38 23.75 20.07
C GLN B 270 6.50 24.09 21.05
N TYR B 271 7.41 23.13 21.22
CA TYR B 271 8.61 23.21 22.10
C TYR B 271 9.78 22.49 21.42
N PRO B 272 11.04 22.88 21.73
CA PRO B 272 12.19 22.50 20.90
C PRO B 272 12.49 21.01 20.73
N ALA B 273 12.13 20.20 21.74
CA ALA B 273 12.20 18.73 21.68
C ALA B 273 11.36 18.23 20.50
N ASN B 274 10.14 18.74 20.43
CA ASN B 274 9.15 18.37 19.37
C ASN B 274 9.63 18.93 18.02
N ILE B 275 10.02 20.20 17.98
CA ILE B 275 10.41 20.92 16.75
C ILE B 275 11.64 20.26 16.14
N ILE B 276 12.64 19.95 16.95
CA ILE B 276 13.90 19.31 16.49
C ILE B 276 13.56 17.94 15.87
N LYS B 277 12.61 17.16 16.44
CA LYS B 277 12.04 15.93 15.81
C LYS B 277 11.54 16.28 14.40
N MET B 278 10.72 17.32 14.26
CA MET B 278 10.22 17.78 12.95
C MET B 278 11.42 18.05 12.01
N LYS B 279 12.43 18.81 12.44
CA LYS B 279 13.61 19.08 11.58
C LYS B 279 14.30 17.76 11.20
N LYS B 280 14.32 16.75 12.07
CA LYS B 280 14.90 15.43 11.74
C LYS B 280 14.20 14.90 10.47
N CYS B 281 12.98 15.35 10.14
CA CYS B 281 12.27 14.92 8.89
C CYS B 281 12.82 15.65 7.66
N TYR B 282 13.58 16.73 7.80
CA TYR B 282 14.17 17.50 6.68
C TYR B 282 15.37 16.75 6.12
N SER B 283 15.52 16.86 4.81
CA SER B 283 16.62 16.26 4.00
C SER B 283 16.49 16.82 2.60
N PRO B 284 17.63 17.12 1.91
CA PRO B 284 17.58 17.85 0.63
C PRO B 284 16.80 17.12 -0.48
N ASP B 285 16.58 15.81 -0.33
CA ASP B 285 15.90 14.94 -1.33
C ASP B 285 14.42 14.80 -1.00
N LYS B 286 13.91 15.47 0.04
CA LYS B 286 12.48 15.43 0.41
C LYS B 286 11.91 16.84 0.42
N GLU B 287 10.61 16.96 0.15
CA GLU B 287 9.84 18.22 0.32
C GLU B 287 9.25 18.25 1.73
N ARG B 288 9.82 19.10 2.59
CA ARG B 288 9.30 19.50 3.92
C ARG B 288 8.98 20.99 3.91
N LYS B 289 7.81 21.35 4.40
CA LYS B 289 7.34 22.75 4.63
C LYS B 289 6.79 22.85 6.04
N MET B 290 6.98 24.01 6.65
CA MET B 290 6.45 24.31 7.99
C MET B 290 5.83 25.71 7.94
N ILE B 291 4.68 25.88 8.54
CA ILE B 291 4.22 27.25 8.86
C ILE B 291 3.76 27.19 10.31
N THR B 292 3.67 28.36 10.96
CA THR B 292 3.09 28.55 12.32
C THR B 292 2.05 29.66 12.20
N ILE B 293 0.83 29.37 12.65
CA ILE B 293 -0.32 30.31 12.71
C ILE B 293 -0.15 31.16 13.98
N ARG B 294 0.01 32.47 13.79
CA ARG B 294 0.24 33.47 14.87
C ARG B 294 -1.01 33.58 15.75
N GLY B 295 -0.81 33.42 17.05
CA GLY B 295 -1.86 33.69 18.06
C GLY B 295 -2.71 32.48 18.32
N SER B 296 -2.32 31.31 17.80
CA SER B 296 -3.14 30.07 17.82
C SER B 296 -2.64 29.15 18.92
N VAL B 297 -3.59 28.42 19.51
CA VAL B 297 -3.32 27.37 20.54
C VAL B 297 -3.56 26.02 19.90
N HIS B 298 -3.10 24.97 20.57
CA HIS B 298 -3.25 23.57 20.12
C HIS B 298 -4.70 23.25 19.70
N GLN B 299 -5.72 23.77 20.40
CA GLN B 299 -7.15 23.41 20.17
C GLN B 299 -7.78 24.20 19.02
N ASN B 300 -6.99 25.03 18.33
CA ASN B 300 -7.44 25.85 17.18
C ASN B 300 -7.82 24.94 16.00
N PHE B 301 -7.24 23.73 15.94
CA PHE B 301 -7.41 22.80 14.80
C PHE B 301 -8.60 21.85 15.00
N ALA B 302 -9.17 21.79 16.20
CA ALA B 302 -10.31 20.91 16.56
C ALA B 302 -11.60 21.71 16.74
N ASP B 303 -12.73 21.02 16.88
CA ASP B 303 -14.08 21.65 16.77
C ASP B 303 -14.44 22.41 18.05
N PHE B 304 -13.73 22.17 19.16
CA PHE B 304 -14.01 22.79 20.49
C PHE B 304 -13.51 24.23 20.56
N THR B 305 -12.78 24.70 19.56
CA THR B 305 -12.38 26.13 19.42
C THR B 305 -13.63 26.97 19.06
N PHE B 306 -14.63 26.38 18.42
CA PHE B 306 -15.91 27.06 18.04
C PHE B 306 -16.99 26.77 19.10
N ALA B 307 -16.70 26.03 20.16
CA ALA B 307 -17.77 25.44 20.99
C ALA B 307 -18.22 26.42 22.07
N THR B 308 -17.44 27.46 22.37
CA THR B 308 -17.84 28.52 23.34
C THR B 308 -17.51 29.87 22.72
N GLY B 309 -17.90 30.95 23.41
CA GLY B 309 -17.58 32.35 23.05
C GLY B 309 -16.14 32.68 23.41
N LYS B 310 -15.64 33.86 23.01
CA LYS B 310 -14.21 34.26 23.11
C LYS B 310 -13.79 34.25 24.59
N ILE B 311 -14.64 34.80 25.47
CA ILE B 311 -14.36 34.95 26.93
C ILE B 311 -14.00 33.57 27.48
N ILE B 312 -14.99 32.67 27.53
CA ILE B 312 -14.86 31.28 28.07
C ILE B 312 -13.75 30.56 27.30
N GLY B 313 -13.81 30.63 25.97
CA GLY B 313 -12.82 30.05 25.04
C GLY B 313 -11.39 30.26 25.51
N HIS B 314 -10.99 31.50 25.82
CA HIS B 314 -9.60 31.84 26.23
C HIS B 314 -9.30 31.23 27.59
N MET B 315 -10.26 31.24 28.53
CA MET B 315 -10.13 30.62 29.89
C MET B 315 -9.88 29.11 29.75
N LEU B 316 -10.51 28.42 28.79
CA LEU B 316 -10.39 26.94 28.64
C LEU B 316 -9.29 26.54 27.63
N LYS B 317 -8.42 27.47 27.20
CA LYS B 317 -7.32 27.17 26.25
C LYS B 317 -7.91 26.56 24.97
N LEU B 318 -9.10 27.01 24.59
CA LEU B 318 -9.84 26.47 23.42
C LEU B 318 -9.64 27.46 22.26
N LYS B 319 -9.53 28.75 22.56
CA LYS B 319 -9.25 29.79 21.53
C LYS B 319 -7.93 30.46 21.89
N GLY B 320 -7.23 30.98 20.89
CA GLY B 320 -6.02 31.82 21.06
C GLY B 320 -6.33 33.29 20.82
N ASP B 321 -5.31 34.08 20.54
CA ASP B 321 -5.41 35.53 20.26
C ASP B 321 -5.99 35.75 18.87
N ILE B 322 -5.59 34.93 17.89
CA ILE B 322 -6.25 34.82 16.56
C ILE B 322 -7.73 34.41 16.81
N ASP B 323 -8.62 34.89 15.94
CA ASP B 323 -10.03 34.43 15.77
C ASP B 323 -10.03 33.01 15.17
N SER B 324 -10.68 32.06 15.86
CA SER B 324 -10.84 30.64 15.46
C SER B 324 -11.15 30.51 13.95
N ASN B 325 -12.14 31.25 13.43
CA ASN B 325 -12.50 31.28 11.99
C ASN B 325 -11.26 31.53 11.13
N VAL B 326 -10.57 32.66 11.32
CA VAL B 326 -9.38 33.03 10.49
C VAL B 326 -8.39 31.87 10.52
N ALA B 327 -8.03 31.38 11.71
CA ALA B 327 -6.98 30.36 11.89
C ALA B 327 -7.32 29.13 11.04
N ILE B 328 -8.54 28.60 11.18
CA ILE B 328 -8.94 27.35 10.47
C ILE B 328 -8.97 27.60 8.96
N ASP B 329 -9.20 28.86 8.51
CA ASP B 329 -9.26 29.25 7.08
C ASP B 329 -7.84 29.27 6.51
N LEU B 330 -6.89 29.66 7.35
CA LEU B 330 -5.47 29.66 6.94
C LEU B 330 -5.06 28.20 6.76
N SER B 331 -5.19 27.40 7.80
CA SER B 331 -4.79 25.97 7.83
C SER B 331 -5.33 25.26 6.58
N ASN B 332 -6.64 25.40 6.34
CA ASN B 332 -7.41 24.73 5.26
C ASN B 332 -6.93 25.20 3.89
N LYS B 333 -6.74 26.50 3.69
CA LYS B 333 -6.28 27.07 2.39
C LYS B 333 -4.83 26.61 2.11
N ALA B 334 -3.95 26.71 3.11
CA ALA B 334 -2.55 26.18 3.02
C ALA B 334 -2.59 24.69 2.68
N SER B 335 -3.28 23.92 3.53
CA SER B 335 -3.66 22.52 3.28
C SER B 335 -4.02 22.33 1.81
N LEU B 336 -5.04 23.04 1.33
CA LEU B 336 -5.57 22.82 -0.04
C LEU B 336 -4.49 23.14 -1.07
N ALA B 337 -3.76 24.25 -0.92
CA ALA B 337 -2.66 24.57 -1.88
C ALA B 337 -1.68 23.39 -1.89
N PHE B 338 -1.22 22.93 -0.72
CA PHE B 338 -0.26 21.80 -0.59
C PHE B 338 -0.80 20.56 -1.33
N LEU B 339 -1.98 20.09 -0.97
CA LEU B 339 -2.63 18.91 -1.59
C LEU B 339 -2.69 19.08 -3.13
N GLN B 340 -3.02 20.27 -3.64
CA GLN B 340 -3.03 20.50 -5.10
C GLN B 340 -1.62 20.28 -5.64
N LYS B 341 -0.61 20.86 -4.98
CA LYS B 341 0.79 20.87 -5.50
C LYS B 341 1.34 19.45 -5.47
N HIS B 342 0.85 18.56 -4.59
CA HIS B 342 1.51 17.24 -4.34
C HIS B 342 0.58 16.08 -4.71
N LEU B 343 -0.69 16.32 -4.94
CA LEU B 343 -1.58 15.29 -5.54
C LEU B 343 -1.75 15.59 -7.03
N GLY B 344 -1.31 16.76 -7.49
CA GLY B 344 -1.51 17.20 -8.88
C GLY B 344 -2.98 17.46 -9.19
N LEU B 345 -3.64 18.34 -8.43
CA LEU B 345 -5.07 18.70 -8.67
C LEU B 345 -5.09 19.87 -9.65
N HIS B 346 -6.11 19.91 -10.49
CA HIS B 346 -6.28 20.93 -11.55
C HIS B 346 -7.40 21.87 -11.13
N LYS B 347 -7.48 22.16 -9.83
CA LYS B 347 -8.36 23.21 -9.24
C LYS B 347 -7.53 24.49 -9.17
N ASP B 348 -7.95 25.50 -8.39
CA ASP B 348 -7.30 26.85 -8.37
C ASP B 348 -6.58 27.11 -7.04
N PHE B 349 -6.22 26.06 -6.28
CA PHE B 349 -5.78 26.18 -4.86
C PHE B 349 -4.40 26.82 -4.80
N ASP B 350 -3.62 26.71 -5.87
CA ASP B 350 -2.25 27.29 -6.02
C ASP B 350 -2.28 28.82 -5.93
N GLN B 351 -3.45 29.43 -5.72
CA GLN B 351 -3.55 30.88 -5.38
C GLN B 351 -3.47 31.07 -3.88
N TRP B 352 -3.21 30.00 -3.13
CA TRP B 352 -2.86 30.00 -1.69
C TRP B 352 -1.44 29.47 -1.50
N ASP B 353 -0.69 29.36 -2.60
CA ASP B 353 0.66 28.73 -2.68
C ASP B 353 1.66 29.55 -1.87
N CYS B 354 1.35 30.82 -1.60
CA CYS B 354 2.12 31.73 -0.72
C CYS B 354 1.91 31.38 0.75
N LEU B 355 0.72 30.84 1.13
CA LEU B 355 0.41 30.41 2.53
C LEU B 355 1.26 29.20 2.92
N ILE B 356 1.67 28.37 1.95
CA ILE B 356 2.61 27.25 2.20
C ILE B 356 3.95 27.83 2.66
N GLU B 357 4.32 28.99 2.12
CA GLU B 357 5.55 29.73 2.48
C GLU B 357 5.35 30.61 3.73
N GLY B 358 4.23 30.50 4.44
CA GLY B 358 3.91 31.36 5.60
C GLY B 358 3.97 32.86 5.30
N ASP B 359 3.47 33.27 4.13
CA ASP B 359 3.43 34.69 3.66
C ASP B 359 2.02 35.25 3.87
N ASP B 360 1.72 35.61 5.11
CA ASP B 360 0.42 36.18 5.53
C ASP B 360 0.66 36.88 6.87
N GLU B 361 -0.02 38.01 7.10
CA GLU B 361 0.08 38.75 8.38
C GLU B 361 -0.14 37.79 9.56
N ASN B 362 -1.03 36.79 9.42
CA ASN B 362 -1.34 35.80 10.49
C ASN B 362 -0.50 34.50 10.40
N LEU B 363 0.47 34.39 9.49
CA LEU B 363 1.39 33.22 9.45
C LEU B 363 2.83 33.65 9.75
N ILE B 364 3.52 32.80 10.49
CA ILE B 364 5.00 32.75 10.57
C ILE B 364 5.46 31.68 9.59
N PRO B 365 6.42 31.99 8.69
CA PRO B 365 7.16 30.97 7.98
C PRO B 365 8.00 30.10 8.92
N GLY B 366 7.99 28.80 8.75
CA GLY B 366 8.71 27.92 9.68
C GLY B 366 8.09 28.01 11.06
N THR B 367 8.93 28.33 12.03
CA THR B 367 8.56 28.27 13.47
C THR B 367 9.14 29.45 14.25
N ASN B 368 8.47 29.77 15.34
CA ASN B 368 8.87 30.76 16.36
C ASN B 368 9.89 30.14 17.33
N ILE B 369 10.20 28.84 17.19
CA ILE B 369 11.13 28.00 18.00
C ILE B 369 12.45 27.84 17.20
#